data_8DDC
#
_entry.id   8DDC
#
loop_
_entity.id
_entity.type
_entity.pdbx_description
1 polymer 'Cytokine receptor common subunit gamma'
2 polymer 'Interleukin-7 receptor subunit alpha'
#
loop_
_entity_poly.entity_id
_entity_poly.type
_entity_poly.pdbx_seq_one_letter_code
_entity_poly.pdbx_strand_id
1 'polypeptide(L)' EENPSLFALEAVLIPVGTVGLIITLIFVYFWLER A
2 'polypeptide(L)' GGWDPVLPSVTILSLFSVFLLVILAHVLWKK B
#
# COMPACT_ATOMS: atom_id res chain seq x y z
N GLU A 1 -8.88 26.06 9.41
CA GLU A 1 -8.37 25.82 10.80
C GLU A 1 -7.45 24.58 10.80
N GLU A 2 -7.87 23.53 10.10
CA GLU A 2 -7.08 22.29 10.04
C GLU A 2 -5.82 22.50 9.19
N ASN A 3 -4.99 21.46 9.11
CA ASN A 3 -3.75 21.52 8.33
C ASN A 3 -3.79 20.50 7.17
N PRO A 4 -3.21 20.82 5.99
CA PRO A 4 -3.21 19.88 4.83
C PRO A 4 -2.10 18.81 4.92
N SER A 5 -1.15 19.02 5.84
CA SER A 5 -0.04 18.09 6.01
C SER A 5 -0.56 16.69 6.37
N LEU A 6 -1.53 16.63 7.28
CA LEU A 6 -2.11 15.36 7.71
C LEU A 6 -3.01 14.75 6.62
N PHE A 7 -3.59 15.59 5.74
CA PHE A 7 -4.46 15.07 4.70
C PHE A 7 -3.61 14.31 3.67
N ALA A 8 -2.41 14.81 3.39
CA ALA A 8 -1.49 14.14 2.45
C ALA A 8 -0.55 13.19 3.21
N LEU A 9 -0.99 12.71 4.38
CA LEU A 9 -0.18 11.81 5.20
C LEU A 9 0.25 10.56 4.42
N GLU A 10 1.04 9.71 5.08
CA GLU A 10 1.59 8.49 4.48
C GLU A 10 0.53 7.43 4.18
N ALA A 11 -0.49 7.32 5.03
CA ALA A 11 -1.53 6.30 4.86
C ALA A 11 -2.35 6.51 3.59
N VAL A 12 -2.50 7.76 3.15
CA VAL A 12 -3.24 8.06 1.93
C VAL A 12 -2.33 7.98 0.69
N LEU A 13 -1.04 8.23 0.91
CA LEU A 13 -0.05 8.22 -0.16
C LEU A 13 0.16 6.83 -0.77
N ILE A 14 0.19 5.77 0.07
CA ILE A 14 0.45 4.42 -0.48
C ILE A 14 -0.45 3.29 0.11
N PRO A 15 -0.58 3.13 1.43
CA PRO A 15 -1.38 1.99 2.02
C PRO A 15 -2.88 2.01 1.67
N VAL A 16 -3.52 3.18 1.78
CA VAL A 16 -4.95 3.27 1.46
C VAL A 16 -5.17 3.00 -0.03
N GLY A 17 -4.30 3.58 -0.87
CA GLY A 17 -4.40 3.39 -2.32
C GLY A 17 -4.21 1.92 -2.71
N THR A 18 -3.14 1.31 -2.20
CA THR A 18 -2.85 -0.09 -2.51
C THR A 18 -3.90 -1.03 -1.95
N VAL A 19 -4.32 -0.81 -0.70
CA VAL A 19 -5.32 -1.68 -0.06
C VAL A 19 -6.63 -1.62 -0.86
N GLY A 20 -7.05 -0.43 -1.27
CA GLY A 20 -8.29 -0.27 -2.02
C GLY A 20 -8.22 -0.97 -3.37
N LEU A 21 -7.11 -0.78 -4.10
CA LEU A 21 -6.93 -1.41 -5.42
C LEU A 21 -6.80 -2.93 -5.28
N ILE A 22 -6.14 -3.39 -4.22
CA ILE A 22 -5.94 -4.82 -3.99
C ILE A 22 -7.28 -5.50 -3.67
N ILE A 23 -8.09 -4.87 -2.82
CA ILE A 23 -9.39 -5.43 -2.45
C ILE A 23 -10.29 -5.50 -3.69
N THR A 24 -10.30 -4.42 -4.47
CA THR A 24 -11.12 -4.38 -5.68
C THR A 24 -10.67 -5.46 -6.68
N LEU A 25 -9.36 -5.61 -6.85
CA LEU A 25 -8.81 -6.60 -7.77
C LEU A 25 -9.17 -8.02 -7.34
N ILE A 26 -8.95 -8.38 -6.06
CA ILE A 26 -9.29 -9.72 -5.59
C ILE A 26 -10.78 -10.00 -5.78
N PHE A 27 -11.63 -8.98 -5.54
CA PHE A 27 -13.08 -9.13 -5.71
C PHE A 27 -13.39 -9.40 -7.19
N VAL A 28 -12.68 -8.70 -8.07
CA VAL A 28 -12.86 -8.85 -9.51
C VAL A 28 -12.51 -10.30 -9.91
N TYR A 29 -11.42 -10.82 -9.33
CA TYR A 29 -10.97 -12.18 -9.61
C TYR A 29 -12.05 -13.19 -9.20
N PHE A 30 -12.60 -13.02 -8.00
CA PHE A 30 -13.64 -13.92 -7.50
C PHE A 30 -14.87 -13.88 -8.41
N TRP A 31 -15.23 -12.67 -8.85
CA TRP A 31 -16.40 -12.49 -9.72
C TRP A 31 -16.20 -13.24 -11.04
N LEU A 32 -15.02 -13.10 -11.64
CA LEU A 32 -14.70 -13.77 -12.90
C LEU A 32 -14.73 -15.29 -12.72
N GLU A 33 -14.23 -15.77 -11.57
CA GLU A 33 -14.18 -17.20 -11.24
C GLU A 33 -13.08 -17.92 -12.05
N ARG A 34 -13.15 -17.81 -13.39
CA ARG A 34 -12.17 -18.45 -14.26
C ARG A 34 -12.30 -17.95 -15.70
N GLY B 1 25.57 -4.56 24.39
CA GLY B 1 25.43 -3.45 25.36
C GLY B 1 26.17 -2.21 24.85
N GLY B 2 25.43 -1.10 24.69
CA GLY B 2 26.02 0.14 24.19
C GLY B 2 25.01 0.92 23.34
N TRP B 3 23.76 0.98 23.82
CA TRP B 3 22.70 1.70 23.11
C TRP B 3 22.57 1.18 21.67
N ASP B 4 21.68 0.19 21.48
CA ASP B 4 21.47 -0.40 20.16
C ASP B 4 20.41 0.39 19.36
N PRO B 5 20.70 0.83 18.13
CA PRO B 5 19.70 1.61 17.32
C PRO B 5 18.42 0.81 17.07
N VAL B 6 17.28 1.53 17.00
CA VAL B 6 15.98 0.90 16.76
C VAL B 6 15.35 1.42 15.47
N LEU B 7 14.86 0.50 14.63
CA LEU B 7 14.24 0.87 13.36
C LEU B 7 13.07 1.86 13.58
N PRO B 8 12.86 2.83 12.70
CA PRO B 8 11.75 3.82 12.84
C PRO B 8 10.42 3.31 12.27
N SER B 9 9.35 4.04 12.54
CA SER B 9 8.01 3.66 12.06
C SER B 9 7.88 3.86 10.54
N VAL B 10 8.58 4.85 10.00
CA VAL B 10 8.52 5.15 8.55
C VAL B 10 8.98 3.94 7.73
N THR B 11 10.02 3.24 8.19
CA THR B 11 10.53 2.06 7.48
C THR B 11 9.52 0.92 7.47
N ILE B 12 8.84 0.71 8.61
CA ILE B 12 7.84 -0.34 8.72
C ILE B 12 6.69 -0.07 7.74
N LEU B 13 6.21 1.18 7.75
CA LEU B 13 5.13 1.60 6.86
C LEU B 13 5.56 1.39 5.40
N SER B 14 6.83 1.71 5.11
CA SER B 14 7.37 1.55 3.76
C SER B 14 7.32 0.08 3.34
N LEU B 15 7.70 -0.81 4.27
CA LEU B 15 7.71 -2.25 3.99
C LEU B 15 6.29 -2.71 3.64
N PHE B 16 5.31 -2.29 4.45
CA PHE B 16 3.91 -2.67 4.20
C PHE B 16 3.46 -2.17 2.83
N SER B 17 3.90 -0.96 2.46
CA SER B 17 3.54 -0.37 1.17
C SER B 17 4.06 -1.23 0.02
N VAL B 18 5.33 -1.62 0.10
CA VAL B 18 5.95 -2.45 -0.94
C VAL B 18 5.22 -3.79 -1.04
N PHE B 19 4.94 -4.42 0.10
CA PHE B 19 4.26 -5.72 0.11
C PHE B 19 2.88 -5.64 -0.56
N LEU B 20 2.08 -4.63 -0.19
CA LEU B 20 0.76 -4.46 -0.77
C LEU B 20 0.88 -4.16 -2.28
N LEU B 21 1.93 -3.41 -2.64
CA LEU B 21 2.21 -3.09 -4.04
C LEU B 21 2.43 -4.39 -4.82
N VAL B 22 3.19 -5.32 -4.22
CA VAL B 22 3.46 -6.60 -4.85
C VAL B 22 2.14 -7.35 -5.09
N ILE B 23 1.20 -7.26 -4.14
CA ILE B 23 -0.10 -7.94 -4.31
C ILE B 23 -0.82 -7.37 -5.55
N LEU B 24 -0.85 -6.04 -5.68
CA LEU B 24 -1.51 -5.40 -6.82
C LEU B 24 -0.88 -5.83 -8.14
N ALA B 25 0.45 -5.78 -8.20
CA ALA B 25 1.18 -6.16 -9.41
C ALA B 25 0.99 -7.65 -9.74
N HIS B 26 0.88 -8.47 -8.70
CA HIS B 26 0.72 -9.91 -8.86
C HIS B 26 -0.65 -10.24 -9.46
N VAL B 27 -1.70 -9.58 -8.95
CA VAL B 27 -3.05 -9.82 -9.45
C VAL B 27 -3.19 -9.34 -10.90
N LEU B 28 -2.64 -8.14 -11.21
CA LEU B 28 -2.72 -7.61 -12.56
C LEU B 28 -1.88 -8.45 -13.53
N TRP B 29 -0.73 -8.94 -13.06
CA TRP B 29 0.16 -9.76 -13.89
C TRP B 29 -0.48 -11.11 -14.22
N LYS B 30 -1.16 -11.67 -13.23
CA LYS B 30 -1.83 -12.97 -13.37
C LYS B 30 -3.18 -12.86 -14.08
N LYS B 31 -3.64 -11.63 -14.34
CA LYS B 31 -4.91 -11.40 -15.02
C LYS B 31 -4.72 -11.39 -16.54
N GLU A 1 -5.41 25.97 -3.00
CA GLU A 1 -5.38 24.58 -2.44
C GLU A 1 -3.94 24.05 -2.42
N GLU A 2 -3.35 23.90 -3.61
CA GLU A 2 -1.98 23.41 -3.74
C GLU A 2 -1.83 22.04 -3.06
N ASN A 3 -0.69 21.39 -3.29
CA ASN A 3 -0.41 20.08 -2.71
C ASN A 3 1.09 19.93 -2.38
N PRO A 4 1.53 20.32 -1.18
CA PRO A 4 2.98 20.21 -0.79
C PRO A 4 3.46 18.77 -0.80
N SER A 5 4.77 18.58 -0.99
CA SER A 5 5.37 17.24 -1.01
C SER A 5 5.12 16.51 0.30
N LEU A 6 5.29 17.23 1.42
CA LEU A 6 5.07 16.65 2.75
C LEU A 6 3.60 16.33 2.99
N PHE A 7 2.68 17.04 2.31
CA PHE A 7 1.25 16.80 2.50
C PHE A 7 0.88 15.44 1.87
N ALA A 8 1.61 15.04 0.83
CA ALA A 8 1.39 13.74 0.21
C ALA A 8 2.10 12.70 1.07
N LEU A 9 1.65 12.60 2.34
CA LEU A 9 2.25 11.67 3.31
C LEU A 9 2.49 10.29 2.70
N GLU A 10 3.47 9.58 3.22
CA GLU A 10 3.78 8.25 2.71
C GLU A 10 2.64 7.27 3.04
N ALA A 11 2.03 7.44 4.22
CA ALA A 11 0.92 6.59 4.66
C ALA A 11 -0.42 7.00 4.03
N VAL A 12 -0.51 8.24 3.51
CA VAL A 12 -1.76 8.71 2.90
C VAL A 12 -1.86 8.33 1.41
N LEU A 13 -0.75 8.47 0.69
CA LEU A 13 -0.71 8.23 -0.75
C LEU A 13 -0.63 6.73 -1.18
N ILE A 14 0.17 5.91 -0.49
CA ILE A 14 0.35 4.50 -0.91
C ILE A 14 -0.70 3.51 -0.35
N PRO A 15 -0.97 3.49 0.95
CA PRO A 15 -1.92 2.50 1.56
C PRO A 15 -3.37 2.60 1.08
N VAL A 16 -3.93 3.81 1.00
CA VAL A 16 -5.32 3.97 0.57
C VAL A 16 -5.48 3.52 -0.89
N GLY A 17 -4.55 3.95 -1.74
CA GLY A 17 -4.60 3.61 -3.17
C GLY A 17 -4.47 2.10 -3.38
N THR A 18 -3.44 1.50 -2.76
CA THR A 18 -3.19 0.08 -2.91
C THR A 18 -4.27 -0.77 -2.23
N VAL A 19 -4.76 -0.33 -1.07
CA VAL A 19 -5.79 -1.10 -0.36
C VAL A 19 -7.09 -1.13 -1.18
N GLY A 20 -7.46 0.01 -1.78
CA GLY A 20 -8.68 0.08 -2.58
C GLY A 20 -8.56 -0.77 -3.85
N LEU A 21 -7.43 -0.65 -4.55
CA LEU A 21 -7.21 -1.40 -5.79
C LEU A 21 -7.06 -2.91 -5.51
N ILE A 22 -6.37 -3.25 -4.41
CA ILE A 22 -6.15 -4.67 -4.05
C ILE A 22 -7.49 -5.30 -3.62
N ILE A 23 -8.31 -4.57 -2.87
CA ILE A 23 -9.60 -5.10 -2.41
C ILE A 23 -10.52 -5.33 -3.62
N THR A 24 -10.54 -4.40 -4.58
CA THR A 24 -11.37 -4.55 -5.76
C THR A 24 -10.87 -5.71 -6.63
N LEU A 25 -9.55 -5.83 -6.75
CA LEU A 25 -8.94 -6.89 -7.55
C LEU A 25 -9.23 -8.26 -6.96
N ILE A 26 -9.01 -8.43 -5.66
CA ILE A 26 -9.28 -9.71 -5.00
C ILE A 26 -10.78 -10.04 -5.06
N PHE A 27 -11.64 -9.01 -4.99
CA PHE A 27 -13.09 -9.22 -5.04
C PHE A 27 -13.50 -9.77 -6.40
N VAL A 28 -13.02 -9.14 -7.49
CA VAL A 28 -13.35 -9.60 -8.84
C VAL A 28 -12.77 -11.00 -9.08
N TYR A 29 -11.59 -11.26 -8.52
CA TYR A 29 -10.94 -12.56 -8.65
C TYR A 29 -11.78 -13.63 -7.95
N PHE A 30 -12.33 -13.28 -6.79
CA PHE A 30 -13.16 -14.19 -6.03
C PHE A 30 -14.40 -14.58 -6.83
N TRP A 31 -15.05 -13.57 -7.44
CA TRP A 31 -16.24 -13.82 -8.24
C TRP A 31 -15.90 -14.69 -9.45
N LEU A 32 -14.75 -14.41 -10.07
CA LEU A 32 -14.30 -15.16 -11.24
C LEU A 32 -14.08 -16.63 -10.89
N GLU A 33 -13.54 -16.88 -9.68
CA GLU A 33 -13.27 -18.25 -9.22
C GLU A 33 -12.33 -18.99 -10.18
N ARG A 34 -11.49 -18.22 -10.90
CA ARG A 34 -10.53 -18.81 -11.84
C ARG A 34 -9.17 -18.11 -11.74
N GLY B 1 13.10 -0.20 24.13
CA GLY B 1 14.60 -0.18 24.04
C GLY B 1 15.06 -1.20 23.02
N GLY B 2 15.04 -0.82 21.73
CA GLY B 2 15.47 -1.71 20.66
C GLY B 2 16.97 -1.55 20.38
N TRP B 3 17.50 -2.41 19.51
CA TRP B 3 18.92 -2.37 19.17
C TRP B 3 19.21 -1.20 18.21
N ASP B 4 18.46 -1.15 17.11
CA ASP B 4 18.63 -0.09 16.11
C ASP B 4 18.07 1.26 16.64
N PRO B 5 18.65 2.40 16.28
CA PRO B 5 18.15 3.74 16.75
C PRO B 5 16.67 3.95 16.38
N VAL B 6 16.29 3.49 15.19
CA VAL B 6 14.92 3.63 14.70
C VAL B 6 13.99 2.61 15.35
N LEU B 7 12.73 3.01 15.57
CA LEU B 7 11.73 2.13 16.18
C LEU B 7 10.85 1.49 15.08
N PRO B 8 10.08 0.44 15.39
CA PRO B 8 9.21 -0.21 14.38
C PRO B 8 7.89 0.54 14.17
N SER B 9 7.94 1.61 13.37
CA SER B 9 6.77 2.42 13.08
C SER B 9 6.73 2.78 11.58
N VAL B 10 7.63 3.66 11.14
CA VAL B 10 7.69 4.06 9.73
C VAL B 10 8.18 2.90 8.86
N THR B 11 9.14 2.12 9.38
CA THR B 11 9.69 0.99 8.64
C THR B 11 8.61 -0.04 8.31
N ILE B 12 7.81 -0.43 9.31
CA ILE B 12 6.74 -1.40 9.10
C ILE B 12 5.70 -0.85 8.10
N LEU B 13 5.51 0.48 8.12
CA LEU B 13 4.58 1.14 7.21
C LEU B 13 5.07 0.97 5.77
N SER B 14 6.37 1.18 5.57
CA SER B 14 6.97 1.03 4.25
C SER B 14 6.86 -0.41 3.78
N LEU B 15 7.05 -1.35 4.71
CA LEU B 15 6.97 -2.78 4.39
C LEU B 15 5.57 -3.13 3.90
N PHE B 16 4.54 -2.62 4.59
CA PHE B 16 3.15 -2.90 4.22
C PHE B 16 2.85 -2.35 2.83
N SER B 17 3.31 -1.12 2.56
CA SER B 17 3.07 -0.49 1.26
C SER B 17 3.74 -1.27 0.14
N VAL B 18 4.98 -1.71 0.36
CA VAL B 18 5.72 -2.48 -0.65
C VAL B 18 5.01 -3.81 -0.91
N PHE B 19 4.59 -4.50 0.16
CA PHE B 19 3.91 -5.79 0.04
C PHE B 19 2.63 -5.65 -0.77
N LEU B 20 1.82 -4.64 -0.43
CA LEU B 20 0.56 -4.40 -1.13
C LEU B 20 0.85 -4.04 -2.60
N LEU B 21 1.93 -3.28 -2.82
CA LEU B 21 2.33 -2.90 -4.17
C LEU B 21 2.62 -4.15 -4.99
N VAL B 22 3.31 -5.12 -4.37
CA VAL B 22 3.63 -6.39 -5.04
C VAL B 22 2.32 -7.09 -5.44
N ILE B 23 1.31 -7.06 -4.56
CA ILE B 23 0.02 -7.70 -4.86
C ILE B 23 -0.60 -7.06 -6.11
N LEU B 24 -0.60 -5.72 -6.14
CA LEU B 24 -1.17 -4.98 -7.27
C LEU B 24 -0.44 -5.32 -8.58
N ALA B 25 0.89 -5.29 -8.55
CA ALA B 25 1.69 -5.59 -9.73
C ALA B 25 1.50 -7.04 -10.19
N HIS B 26 1.31 -7.95 -9.23
CA HIS B 26 1.12 -9.36 -9.52
C HIS B 26 -0.20 -9.58 -10.27
N VAL B 27 -1.28 -8.99 -9.77
CA VAL B 27 -2.59 -9.13 -10.41
C VAL B 27 -2.56 -8.45 -11.78
N LEU B 28 -1.91 -7.29 -11.86
CA LEU B 28 -1.81 -6.53 -13.10
C LEU B 28 -1.10 -7.35 -14.18
N TRP B 29 -0.02 -8.05 -13.78
CA TRP B 29 0.77 -8.85 -14.72
C TRP B 29 -0.02 -10.09 -15.16
N LYS B 30 -0.74 -10.66 -14.22
CA LYS B 30 -1.57 -11.85 -14.46
C LYS B 30 -2.89 -11.52 -15.17
N LYS B 31 -3.18 -10.23 -15.33
CA LYS B 31 -4.42 -9.78 -15.98
C LYS B 31 -4.14 -9.31 -17.41
N GLU A 1 -2.90 28.01 -2.55
CA GLU A 1 -3.52 26.72 -2.99
C GLU A 1 -4.19 26.04 -1.80
N GLU A 2 -5.39 25.50 -2.03
CA GLU A 2 -6.13 24.81 -0.97
C GLU A 2 -5.75 23.32 -0.92
N ASN A 3 -4.48 23.05 -0.60
CA ASN A 3 -3.97 21.69 -0.52
C ASN A 3 -2.59 21.65 0.19
N PRO A 4 -2.53 21.41 1.50
CA PRO A 4 -1.23 21.36 2.25
C PRO A 4 -0.30 20.27 1.70
N SER A 5 1.00 20.57 1.67
CA SER A 5 2.00 19.62 1.17
C SER A 5 2.07 18.40 2.08
N LEU A 6 2.03 18.63 3.40
CA LEU A 6 2.09 17.55 4.38
C LEU A 6 0.87 16.63 4.28
N PHE A 7 -0.27 17.15 3.77
CA PHE A 7 -1.47 16.32 3.64
C PHE A 7 -1.30 15.27 2.53
N ALA A 8 -0.19 15.36 1.77
CA ALA A 8 0.11 14.36 0.75
C ALA A 8 1.02 13.30 1.41
N LEU A 9 0.61 12.91 2.63
CA LEU A 9 1.33 11.94 3.45
C LEU A 9 1.75 10.72 2.67
N GLU A 10 2.94 10.22 2.97
CA GLU A 10 3.45 9.01 2.33
C GLU A 10 2.63 7.79 2.76
N ALA A 11 2.20 7.78 4.03
CA ALA A 11 1.44 6.67 4.61
C ALA A 11 -0.06 6.73 4.26
N VAL A 12 -0.57 7.89 3.85
CA VAL A 12 -2.00 8.02 3.53
C VAL A 12 -2.27 7.67 2.04
N LEU A 13 -1.34 8.04 1.17
CA LEU A 13 -1.49 7.84 -0.28
C LEU A 13 -1.23 6.40 -0.76
N ILE A 14 -0.16 5.76 -0.28
CA ILE A 14 0.17 4.39 -0.77
C ILE A 14 -0.74 3.30 -0.16
N PRO A 15 -0.86 3.18 1.15
CA PRO A 15 -1.68 2.09 1.79
C PRO A 15 -3.18 2.21 1.46
N VAL A 16 -3.76 3.41 1.56
CA VAL A 16 -5.18 3.57 1.28
C VAL A 16 -5.47 3.27 -0.20
N GLY A 17 -4.62 3.81 -1.08
CA GLY A 17 -4.77 3.60 -2.52
C GLY A 17 -4.58 2.12 -2.89
N THR A 18 -3.48 1.55 -2.40
CA THR A 18 -3.14 0.17 -2.69
C THR A 18 -4.12 -0.82 -2.03
N VAL A 19 -4.56 -0.53 -0.80
CA VAL A 19 -5.52 -1.41 -0.11
C VAL A 19 -6.82 -1.46 -0.92
N GLY A 20 -7.32 -0.28 -1.31
CA GLY A 20 -8.56 -0.21 -2.08
C GLY A 20 -8.41 -1.00 -3.39
N LEU A 21 -7.26 -0.82 -4.05
CA LEU A 21 -6.97 -1.51 -5.30
C LEU A 21 -6.90 -3.02 -5.11
N ILE A 22 -6.33 -3.45 -3.98
CA ILE A 22 -6.21 -4.87 -3.66
C ILE A 22 -7.59 -5.50 -3.46
N ILE A 23 -8.46 -4.80 -2.73
CA ILE A 23 -9.82 -5.31 -2.47
C ILE A 23 -10.57 -5.46 -3.80
N THR A 24 -10.42 -4.46 -4.68
CA THR A 24 -11.08 -4.49 -5.98
C THR A 24 -10.55 -5.66 -6.82
N LEU A 25 -9.23 -5.86 -6.80
CA LEU A 25 -8.61 -6.94 -7.56
C LEU A 25 -9.05 -8.32 -7.07
N ILE A 26 -8.98 -8.55 -5.75
CA ILE A 26 -9.39 -9.84 -5.19
C ILE A 26 -10.88 -10.10 -5.47
N PHE A 27 -11.71 -9.04 -5.39
CA PHE A 27 -13.15 -9.18 -5.66
C PHE A 27 -13.35 -9.58 -7.13
N VAL A 28 -12.58 -8.95 -8.01
CA VAL A 28 -12.62 -9.21 -9.45
C VAL A 28 -12.24 -10.67 -9.71
N TYR A 29 -11.22 -11.16 -9.01
CA TYR A 29 -10.76 -12.54 -9.16
C TYR A 29 -11.87 -13.51 -8.74
N PHE A 30 -12.52 -13.21 -7.61
CA PHE A 30 -13.61 -14.05 -7.10
C PHE A 30 -14.75 -14.13 -8.11
N TRP A 31 -15.14 -12.98 -8.67
CA TRP A 31 -16.23 -12.93 -9.64
C TRP A 31 -15.89 -13.72 -10.90
N LEU A 32 -14.65 -13.57 -11.37
CA LEU A 32 -14.18 -14.26 -12.58
C LEU A 32 -14.22 -15.78 -12.37
N GLU A 33 -13.72 -16.23 -11.22
CA GLU A 33 -13.70 -17.66 -10.91
C GLU A 33 -14.05 -17.89 -9.43
N ARG A 34 -15.06 -18.74 -9.20
CA ARG A 34 -15.51 -19.05 -7.84
C ARG A 34 -14.94 -20.40 -7.39
N GLY B 1 32.47 2.70 11.73
CA GLY B 1 31.32 2.03 11.08
C GLY B 1 30.32 1.57 12.13
N GLY B 2 29.07 1.35 11.72
CA GLY B 2 28.01 0.92 12.64
C GLY B 2 26.66 0.87 11.95
N TRP B 3 25.58 1.05 12.74
CA TRP B 3 24.23 1.03 12.19
C TRP B 3 23.65 2.45 12.10
N ASP B 4 22.68 2.63 11.20
CA ASP B 4 22.04 3.93 11.00
C ASP B 4 20.71 4.01 11.78
N PRO B 5 20.46 5.02 12.61
CA PRO B 5 19.19 5.14 13.39
C PRO B 5 18.00 5.50 12.48
N VAL B 6 16.89 4.78 12.64
CA VAL B 6 15.69 5.02 11.84
C VAL B 6 14.44 5.06 12.73
N LEU B 7 13.32 5.52 12.17
CA LEU B 7 12.06 5.61 12.90
C LEU B 7 11.30 4.27 12.84
N PRO B 8 10.55 3.89 13.87
CA PRO B 8 9.79 2.61 13.89
C PRO B 8 8.38 2.77 13.30
N SER B 9 8.22 3.71 12.37
CA SER B 9 6.92 3.97 11.73
C SER B 9 7.08 4.09 10.21
N VAL B 10 8.12 4.81 9.78
CA VAL B 10 8.37 5.00 8.34
C VAL B 10 8.77 3.69 7.68
N THR B 11 9.64 2.92 8.35
CA THR B 11 10.11 1.64 7.81
C THR B 11 9.00 0.59 7.78
N ILE B 12 8.27 0.45 8.90
CA ILE B 12 7.20 -0.54 8.99
C ILE B 12 6.09 -0.22 7.96
N LEU B 13 5.70 1.04 7.87
CA LEU B 13 4.66 1.46 6.93
C LEU B 13 5.15 1.29 5.49
N SER B 14 6.43 1.57 5.24
CA SER B 14 7.01 1.43 3.91
C SER B 14 6.97 -0.04 3.47
N LEU B 15 7.34 -0.94 4.37
CA LEU B 15 7.34 -2.37 4.07
C LEU B 15 5.91 -2.85 3.78
N PHE B 16 4.95 -2.36 4.57
CA PHE B 16 3.55 -2.75 4.39
C PHE B 16 3.05 -2.30 2.99
N SER B 17 3.37 -1.06 2.60
CA SER B 17 2.95 -0.55 1.31
C SER B 17 3.56 -1.37 0.17
N VAL B 18 4.85 -1.66 0.30
CA VAL B 18 5.56 -2.45 -0.72
C VAL B 18 4.92 -3.84 -0.86
N PHE B 19 4.65 -4.50 0.28
CA PHE B 19 4.05 -5.83 0.26
C PHE B 19 2.70 -5.81 -0.46
N LEU B 20 1.86 -4.83 -0.09
CA LEU B 20 0.54 -4.68 -0.71
C LEU B 20 0.72 -4.36 -2.20
N LEU B 21 1.78 -3.62 -2.53
CA LEU B 21 2.09 -3.27 -3.92
C LEU B 21 2.42 -4.53 -4.72
N VAL B 22 3.08 -5.50 -4.08
CA VAL B 22 3.44 -6.75 -4.74
C VAL B 22 2.15 -7.52 -5.09
N ILE B 23 1.19 -7.56 -4.16
CA ILE B 23 -0.09 -8.25 -4.41
C ILE B 23 -0.79 -7.59 -5.61
N LEU B 24 -0.86 -6.26 -5.57
CA LEU B 24 -1.52 -5.49 -6.62
C LEU B 24 -0.87 -5.74 -7.98
N ALA B 25 0.46 -5.67 -8.02
CA ALA B 25 1.22 -5.90 -9.25
C ALA B 25 1.05 -7.34 -9.74
N HIS B 26 0.94 -8.28 -8.80
CA HIS B 26 0.79 -9.69 -9.14
C HIS B 26 -0.54 -9.95 -9.86
N VAL B 27 -1.63 -9.39 -9.33
CA VAL B 27 -2.94 -9.59 -9.95
C VAL B 27 -3.01 -8.83 -11.29
N LEU B 28 -2.44 -7.63 -11.33
CA LEU B 28 -2.44 -6.81 -12.55
C LEU B 28 -1.60 -7.47 -13.65
N TRP B 29 -0.53 -8.17 -13.26
CA TRP B 29 0.35 -8.84 -14.21
C TRP B 29 -0.26 -10.13 -14.74
N LYS B 30 -0.78 -10.92 -13.82
CA LYS B 30 -1.40 -12.21 -14.17
C LYS B 30 -2.84 -12.05 -14.70
N LYS B 31 -3.45 -10.91 -14.40
CA LYS B 31 -4.82 -10.62 -14.85
C LYS B 31 -5.77 -11.75 -14.43
N GLU A 1 -6.12 22.72 -0.95
CA GLU A 1 -6.28 21.63 0.06
C GLU A 1 -5.11 20.65 -0.07
N GLU A 2 -4.91 20.11 -1.28
CA GLU A 2 -3.83 19.17 -1.54
C GLU A 2 -2.93 19.68 -2.67
N ASN A 3 -2.13 20.72 -2.36
CA ASN A 3 -1.23 21.31 -3.35
C ASN A 3 0.25 20.91 -3.06
N PRO A 4 0.75 21.08 -1.83
CA PRO A 4 2.17 20.71 -1.50
C PRO A 4 2.43 19.20 -1.69
N SER A 5 3.62 18.86 -2.18
CA SER A 5 3.98 17.46 -2.39
C SER A 5 4.04 16.70 -1.05
N LEU A 6 4.54 17.39 -0.01
CA LEU A 6 4.65 16.81 1.32
C LEU A 6 3.28 16.37 1.86
N PHE A 7 2.19 17.01 1.39
CA PHE A 7 0.85 16.66 1.87
C PHE A 7 0.45 15.28 1.34
N ALA A 8 0.98 14.89 0.17
CA ALA A 8 0.71 13.57 -0.37
C ALA A 8 1.61 12.57 0.37
N LEU A 9 1.39 12.47 1.68
CA LEU A 9 2.19 11.59 2.54
C LEU A 9 2.36 10.21 1.92
N GLU A 10 3.48 9.56 2.22
CA GLU A 10 3.74 8.22 1.68
C GLU A 10 2.77 7.20 2.29
N ALA A 11 2.44 7.39 3.57
CA ALA A 11 1.52 6.49 4.28
C ALA A 11 0.05 6.78 3.96
N VAL A 12 -0.24 7.98 3.43
CA VAL A 12 -1.62 8.35 3.11
C VAL A 12 -2.00 7.89 1.68
N LEU A 13 -1.09 8.14 0.74
CA LEU A 13 -1.32 7.81 -0.68
C LEU A 13 -1.10 6.32 -1.03
N ILE A 14 0.01 5.73 -0.60
CA ILE A 14 0.33 4.34 -0.98
C ILE A 14 -0.62 3.29 -0.33
N PRO A 15 -0.78 3.23 1.00
CA PRO A 15 -1.63 2.19 1.65
C PRO A 15 -3.11 2.26 1.27
N VAL A 16 -3.68 3.47 1.27
CA VAL A 16 -5.10 3.62 0.93
C VAL A 16 -5.32 3.22 -0.54
N GLY A 17 -4.42 3.70 -1.41
CA GLY A 17 -4.51 3.40 -2.84
C GLY A 17 -4.35 1.90 -3.12
N THR A 18 -3.28 1.30 -2.56
CA THR A 18 -3.01 -0.12 -2.78
C THR A 18 -4.06 -1.01 -2.13
N VAL A 19 -4.42 -0.73 -0.88
CA VAL A 19 -5.41 -1.55 -0.19
C VAL A 19 -6.74 -1.53 -0.95
N GLY A 20 -7.18 -0.34 -1.38
CA GLY A 20 -8.45 -0.22 -2.10
C GLY A 20 -8.42 -0.99 -3.44
N LEU A 21 -7.35 -0.80 -4.22
CA LEU A 21 -7.23 -1.47 -5.52
C LEU A 21 -7.09 -2.99 -5.34
N ILE A 22 -6.37 -3.41 -4.30
CA ILE A 22 -6.16 -4.84 -4.04
C ILE A 22 -7.47 -5.51 -3.62
N ILE A 23 -8.30 -4.85 -2.78
CA ILE A 23 -9.57 -5.45 -2.37
C ILE A 23 -10.52 -5.56 -3.55
N THR A 24 -10.48 -4.56 -4.46
CA THR A 24 -11.34 -4.58 -5.64
C THR A 24 -10.87 -5.68 -6.60
N LEU A 25 -9.56 -5.81 -6.76
CA LEU A 25 -8.98 -6.82 -7.65
C LEU A 25 -9.27 -8.23 -7.16
N ILE A 26 -9.02 -8.50 -5.87
CA ILE A 26 -9.26 -9.82 -5.30
C ILE A 26 -10.76 -10.15 -5.36
N PHE A 27 -11.63 -9.16 -5.08
CA PHE A 27 -13.08 -9.39 -5.13
C PHE A 27 -13.50 -9.72 -6.57
N VAL A 28 -12.88 -9.03 -7.54
CA VAL A 28 -13.18 -9.25 -8.95
C VAL A 28 -12.79 -10.69 -9.35
N TYR A 29 -11.60 -11.13 -8.90
CA TYR A 29 -11.12 -12.48 -9.20
C TYR A 29 -12.09 -13.53 -8.62
N PHE A 30 -12.50 -13.32 -7.37
CA PHE A 30 -13.42 -14.23 -6.69
C PHE A 30 -14.76 -14.30 -7.44
N TRP A 31 -15.24 -13.14 -7.88
CA TRP A 31 -16.52 -13.06 -8.60
C TRP A 31 -16.44 -13.85 -9.91
N LEU A 32 -15.33 -13.69 -10.64
CA LEU A 32 -15.14 -14.39 -11.90
C LEU A 32 -15.11 -15.91 -11.68
N GLU A 33 -14.37 -16.34 -10.66
CA GLU A 33 -14.27 -17.77 -10.32
C GLU A 33 -13.73 -18.57 -11.52
N ARG A 34 -13.23 -19.78 -11.24
CA ARG A 34 -12.68 -20.65 -12.29
C ARG A 34 -13.81 -21.25 -13.13
N GLY B 1 11.47 1.96 23.19
CA GLY B 1 10.66 2.11 21.95
C GLY B 1 10.27 0.74 21.41
N GLY B 2 11.18 0.14 20.63
CA GLY B 2 10.94 -1.19 20.05
C GLY B 2 11.80 -2.25 20.75
N TRP B 3 11.20 -3.43 20.97
CA TRP B 3 11.91 -4.53 21.63
C TRP B 3 12.78 -5.29 20.62
N ASP B 4 12.23 -5.50 19.42
CA ASP B 4 12.94 -6.22 18.36
C ASP B 4 14.00 -5.30 17.69
N PRO B 5 15.16 -5.80 17.29
CA PRO B 5 16.21 -4.96 16.64
C PRO B 5 15.69 -4.27 15.37
N VAL B 6 16.05 -2.99 15.21
CA VAL B 6 15.62 -2.20 14.04
C VAL B 6 14.10 -2.32 13.85
N LEU B 7 13.36 -1.45 14.55
CA LEU B 7 11.89 -1.45 14.46
C LEU B 7 11.32 -0.16 15.11
N PRO B 8 11.23 0.94 14.38
CA PRO B 8 10.70 2.22 14.92
C PRO B 8 9.17 2.34 14.72
N SER B 9 8.72 2.53 13.47
CA SER B 9 7.29 2.66 13.16
C SER B 9 7.07 2.96 11.67
N VAL B 10 7.71 4.02 11.18
CA VAL B 10 7.58 4.45 9.78
C VAL B 10 8.05 3.36 8.80
N THR B 11 9.17 2.72 9.11
CA THR B 11 9.72 1.67 8.23
C THR B 11 8.74 0.49 8.10
N ILE B 12 8.02 0.18 9.19
CA ILE B 12 7.07 -0.92 9.18
C ILE B 12 5.96 -0.62 8.17
N LEU B 13 5.42 0.60 8.25
CA LEU B 13 4.37 1.03 7.33
C LEU B 13 4.88 1.02 5.90
N SER B 14 6.14 1.42 5.71
CA SER B 14 6.75 1.43 4.39
C SER B 14 6.79 0.02 3.80
N LEU B 15 7.17 -0.95 4.63
CA LEU B 15 7.24 -2.35 4.21
C LEU B 15 5.85 -2.83 3.79
N PHE B 16 4.83 -2.47 4.57
CA PHE B 16 3.46 -2.87 4.26
C PHE B 16 3.03 -2.27 2.91
N SER B 17 3.42 -1.02 2.66
CA SER B 17 3.09 -0.36 1.41
C SER B 17 3.68 -1.11 0.22
N VAL B 18 4.96 -1.46 0.32
CA VAL B 18 5.65 -2.17 -0.76
C VAL B 18 4.99 -3.55 -0.97
N PHE B 19 4.69 -4.24 0.13
CA PHE B 19 4.07 -5.58 0.07
C PHE B 19 2.72 -5.52 -0.67
N LEU B 20 1.86 -4.56 -0.29
CA LEU B 20 0.56 -4.42 -0.92
C LEU B 20 0.74 -4.04 -2.40
N LEU B 21 1.74 -3.21 -2.67
CA LEU B 21 2.05 -2.82 -4.05
C LEU B 21 2.41 -4.06 -4.87
N VAL B 22 3.11 -5.01 -4.24
CA VAL B 22 3.50 -6.25 -4.90
C VAL B 22 2.23 -7.05 -5.26
N ILE B 23 1.23 -7.06 -4.36
CA ILE B 23 -0.01 -7.79 -4.63
C ILE B 23 -0.70 -7.20 -5.88
N LEU B 24 -0.81 -5.86 -5.91
CA LEU B 24 -1.44 -5.18 -7.04
C LEU B 24 -0.69 -5.48 -8.35
N ALA B 25 0.63 -5.36 -8.32
CA ALA B 25 1.47 -5.61 -9.50
C ALA B 25 1.35 -7.07 -9.94
N HIS B 26 1.17 -7.98 -8.97
CA HIS B 26 1.04 -9.41 -9.27
C HIS B 26 -0.25 -9.69 -10.04
N VAL B 27 -1.36 -9.10 -9.58
CA VAL B 27 -2.65 -9.32 -10.25
C VAL B 27 -2.61 -8.74 -11.67
N LEU B 28 -2.07 -7.53 -11.83
CA LEU B 28 -1.99 -6.91 -13.15
C LEU B 28 -1.03 -7.69 -14.05
N TRP B 29 0.04 -8.24 -13.46
CA TRP B 29 1.03 -9.01 -14.22
C TRP B 29 0.39 -10.26 -14.80
N LYS B 30 -0.44 -10.91 -13.99
CA LYS B 30 -1.14 -12.13 -14.40
C LYS B 30 -2.08 -11.87 -15.57
N LYS B 31 -2.66 -10.67 -15.57
CA LYS B 31 -3.58 -10.26 -16.63
C LYS B 31 -3.51 -8.74 -16.83
N GLU A 1 0.92 28.59 -4.09
CA GLU A 1 0.00 27.80 -4.95
C GLU A 1 -0.62 26.67 -4.14
N GLU A 2 0.24 25.82 -3.56
CA GLU A 2 -0.21 24.69 -2.76
C GLU A 2 -0.65 25.15 -1.36
N ASN A 3 -1.12 24.19 -0.55
CA ASN A 3 -1.57 24.50 0.80
C ASN A 3 -1.88 23.21 1.59
N PRO A 4 -2.70 22.29 1.06
CA PRO A 4 -3.04 21.01 1.76
C PRO A 4 -2.01 19.91 1.46
N SER A 5 -0.74 20.29 1.46
CA SER A 5 0.35 19.33 1.20
C SER A 5 0.35 18.21 2.24
N LEU A 6 0.13 18.57 3.51
CA LEU A 6 0.10 17.60 4.60
C LEU A 6 -1.04 16.61 4.43
N PHE A 7 -2.12 16.99 3.74
CA PHE A 7 -3.25 16.05 3.58
C PHE A 7 -2.86 14.90 2.63
N ALA A 8 -1.66 14.96 2.04
CA ALA A 8 -1.15 13.88 1.20
C ALA A 8 -0.26 12.99 2.08
N LEU A 9 -0.72 12.76 3.32
CA LEU A 9 0.02 11.97 4.30
C LEU A 9 0.52 10.67 3.71
N GLU A 10 1.52 10.08 4.36
CA GLU A 10 2.10 8.82 3.89
C GLU A 10 1.13 7.65 4.02
N ALA A 11 0.36 7.62 5.11
CA ALA A 11 -0.61 6.52 5.35
C ALA A 11 -1.75 6.51 4.32
N VAL A 12 -2.09 7.69 3.80
CA VAL A 12 -3.18 7.82 2.82
C VAL A 12 -2.64 7.67 1.38
N LEU A 13 -1.41 8.13 1.16
CA LEU A 13 -0.79 8.12 -0.17
C LEU A 13 -0.62 6.72 -0.78
N ILE A 14 -0.22 5.72 0.01
CA ILE A 14 0.01 4.37 -0.55
C ILE A 14 -0.91 3.27 0.07
N PRO A 15 -1.02 3.13 1.39
CA PRO A 15 -1.87 2.06 2.00
C PRO A 15 -3.34 2.12 1.58
N VAL A 16 -3.94 3.32 1.62
CA VAL A 16 -5.35 3.47 1.24
C VAL A 16 -5.54 3.15 -0.25
N GLY A 17 -4.63 3.67 -1.07
CA GLY A 17 -4.70 3.43 -2.52
C GLY A 17 -4.56 1.95 -2.84
N THR A 18 -3.52 1.31 -2.28
CA THR A 18 -3.27 -0.10 -2.52
C THR A 18 -4.35 -0.99 -1.90
N VAL A 19 -4.87 -0.61 -0.74
CA VAL A 19 -5.92 -1.42 -0.07
C VAL A 19 -7.17 -1.47 -0.97
N GLY A 20 -7.59 -0.31 -1.46
CA GLY A 20 -8.78 -0.25 -2.33
C GLY A 20 -8.53 -1.00 -3.64
N LEU A 21 -7.34 -0.82 -4.21
CA LEU A 21 -6.96 -1.46 -5.47
C LEU A 21 -6.88 -2.99 -5.33
N ILE A 22 -6.30 -3.44 -4.22
CA ILE A 22 -6.15 -4.88 -3.97
C ILE A 22 -7.52 -5.52 -3.75
N ILE A 23 -8.38 -4.87 -2.97
CA ILE A 23 -9.72 -5.39 -2.72
C ILE A 23 -10.50 -5.50 -4.03
N THR A 24 -10.41 -4.45 -4.86
CA THR A 24 -11.11 -4.43 -6.14
C THR A 24 -10.62 -5.56 -7.05
N LEU A 25 -9.29 -5.76 -7.09
CA LEU A 25 -8.70 -6.79 -7.93
C LEU A 25 -9.15 -8.19 -7.49
N ILE A 26 -9.04 -8.50 -6.19
CA ILE A 26 -9.47 -9.81 -5.70
C ILE A 26 -10.98 -10.01 -5.95
N PHE A 27 -11.75 -8.93 -5.86
CA PHE A 27 -13.20 -8.98 -6.06
C PHE A 27 -13.54 -9.37 -7.50
N VAL A 28 -12.91 -8.70 -8.48
CA VAL A 28 -13.16 -9.00 -9.88
C VAL A 28 -12.67 -10.40 -10.24
N TYR A 29 -11.57 -10.83 -9.63
CA TYR A 29 -11.00 -12.15 -9.87
C TYR A 29 -11.96 -13.24 -9.37
N PHE A 30 -12.54 -13.00 -8.19
CA PHE A 30 -13.47 -13.96 -7.58
C PHE A 30 -14.78 -14.02 -8.37
N TRP A 31 -15.29 -12.85 -8.78
CA TRP A 31 -16.54 -12.77 -9.54
C TRP A 31 -16.42 -13.51 -10.87
N LEU A 32 -15.34 -13.25 -11.61
CA LEU A 32 -15.12 -13.89 -12.91
C LEU A 32 -14.89 -15.39 -12.73
N GLU A 33 -14.04 -15.75 -11.76
CA GLU A 33 -13.71 -17.15 -11.47
C GLU A 33 -13.06 -17.83 -12.68
N ARG A 34 -12.02 -18.62 -12.42
CA ARG A 34 -11.30 -19.34 -13.47
C ARG A 34 -11.01 -20.78 -13.05
N GLY B 1 19.46 15.36 21.67
CA GLY B 1 18.35 14.98 20.75
C GLY B 1 17.43 13.98 21.46
N GLY B 2 16.24 13.76 20.88
CA GLY B 2 15.27 12.83 21.46
C GLY B 2 15.76 11.38 21.33
N TRP B 3 15.11 10.47 22.07
CA TRP B 3 15.48 9.06 22.05
C TRP B 3 14.77 8.33 20.90
N ASP B 4 15.55 7.90 19.90
CA ASP B 4 14.99 7.19 18.74
C ASP B 4 15.22 5.66 18.87
N PRO B 5 14.23 4.81 18.57
CA PRO B 5 14.41 3.33 18.67
C PRO B 5 15.52 2.81 17.75
N VAL B 6 16.13 1.69 18.12
CA VAL B 6 17.20 1.09 17.33
C VAL B 6 16.74 0.84 15.88
N LEU B 7 15.46 0.54 15.70
CA LEU B 7 14.89 0.28 14.38
C LEU B 7 14.08 1.50 13.88
N PRO B 8 14.27 1.98 12.64
CA PRO B 8 13.51 3.15 12.13
C PRO B 8 12.00 2.86 12.03
N SER B 9 11.20 3.92 12.12
CA SER B 9 9.73 3.79 12.06
C SER B 9 9.23 3.96 10.61
N VAL B 10 9.94 4.77 9.83
CA VAL B 10 9.56 5.03 8.42
C VAL B 10 9.75 3.76 7.58
N THR B 11 10.82 3.01 7.85
CA THR B 11 11.12 1.79 7.10
C THR B 11 10.00 0.74 7.18
N ILE B 12 9.48 0.50 8.39
CA ILE B 12 8.41 -0.50 8.57
C ILE B 12 7.16 -0.12 7.76
N LEU B 13 6.79 1.17 7.77
CA LEU B 13 5.64 1.64 7.00
C LEU B 13 5.89 1.43 5.51
N SER B 14 7.12 1.72 5.07
CA SER B 14 7.50 1.54 3.67
C SER B 14 7.38 0.05 3.28
N LEU B 15 7.77 -0.83 4.22
CA LEU B 15 7.70 -2.28 3.98
C LEU B 15 6.25 -2.70 3.75
N PHE B 16 5.33 -2.20 4.58
CA PHE B 16 3.91 -2.54 4.45
C PHE B 16 3.38 -2.08 3.09
N SER B 17 3.72 -0.84 2.70
CA SER B 17 3.26 -0.29 1.42
C SER B 17 3.79 -1.13 0.24
N VAL B 18 5.07 -1.50 0.29
CA VAL B 18 5.69 -2.29 -0.77
C VAL B 18 5.02 -3.67 -0.83
N PHE B 19 4.74 -4.27 0.34
CA PHE B 19 4.10 -5.59 0.38
C PHE B 19 2.75 -5.54 -0.34
N LEU B 20 1.95 -4.52 -0.01
CA LEU B 20 0.65 -4.33 -0.64
C LEU B 20 0.84 -4.11 -2.14
N LEU B 21 1.88 -3.37 -2.51
CA LEU B 21 2.18 -3.11 -3.92
C LEU B 21 2.47 -4.43 -4.63
N VAL B 22 3.12 -5.37 -3.94
CA VAL B 22 3.43 -6.67 -4.51
C VAL B 22 2.12 -7.41 -4.79
N ILE B 23 1.13 -7.32 -3.90
CA ILE B 23 -0.16 -7.99 -4.14
C ILE B 23 -0.81 -7.42 -5.40
N LEU B 24 -0.86 -6.08 -5.50
CA LEU B 24 -1.46 -5.42 -6.66
C LEU B 24 -0.77 -5.86 -7.95
N ALA B 25 0.55 -5.80 -7.97
CA ALA B 25 1.33 -6.18 -9.15
C ALA B 25 1.17 -7.67 -9.47
N HIS B 26 1.03 -8.49 -8.43
CA HIS B 26 0.90 -9.93 -8.60
C HIS B 26 -0.38 -10.31 -9.33
N VAL B 27 -1.54 -9.78 -8.87
CA VAL B 27 -2.81 -10.12 -9.54
C VAL B 27 -2.92 -9.39 -10.88
N LEU B 28 -2.29 -8.21 -11.00
CA LEU B 28 -2.32 -7.45 -12.25
C LEU B 28 -1.51 -8.18 -13.33
N TRP B 29 -0.39 -8.78 -12.93
CA TRP B 29 0.49 -9.50 -13.86
C TRP B 29 -0.13 -10.83 -14.25
N LYS B 30 -0.62 -11.55 -13.25
CA LYS B 30 -1.26 -12.86 -13.47
C LYS B 30 -2.47 -12.74 -14.40
N LYS B 31 -3.05 -11.56 -14.46
CA LYS B 31 -4.22 -11.30 -15.30
C LYS B 31 -4.48 -9.80 -15.42
N GLU A 1 -0.02 28.26 5.89
CA GLU A 1 -0.28 26.81 6.11
C GLU A 1 0.28 26.01 4.92
N GLU A 2 0.34 24.68 5.07
CA GLU A 2 0.86 23.81 4.02
C GLU A 2 -0.05 23.87 2.78
N ASN A 3 0.39 23.22 1.69
CA ASN A 3 -0.37 23.20 0.46
C ASN A 3 -1.14 21.87 0.31
N PRO A 4 -2.21 21.82 -0.49
CA PRO A 4 -3.01 20.56 -0.67
C PRO A 4 -2.17 19.43 -1.28
N SER A 5 -1.15 19.79 -2.06
CA SER A 5 -0.28 18.80 -2.70
C SER A 5 0.41 17.93 -1.65
N LEU A 6 0.88 18.56 -0.57
CA LEU A 6 1.56 17.84 0.51
C LEU A 6 0.62 16.85 1.20
N PHE A 7 -0.69 17.09 1.18
CA PHE A 7 -1.62 16.15 1.83
C PHE A 7 -1.69 14.82 1.05
N ALA A 8 -1.09 14.79 -0.15
CA ALA A 8 -1.04 13.56 -0.94
C ALA A 8 0.31 12.87 -0.63
N LEU A 9 0.64 12.83 0.67
CA LEU A 9 1.88 12.26 1.15
C LEU A 9 2.14 10.89 0.54
N GLU A 10 3.38 10.44 0.67
CA GLU A 10 3.77 9.13 0.17
C GLU A 10 3.11 8.01 0.97
N ALA A 11 3.00 8.20 2.29
CA ALA A 11 2.43 7.19 3.18
C ALA A 11 0.89 7.21 3.21
N VAL A 12 0.27 8.31 2.78
CA VAL A 12 -1.19 8.41 2.83
C VAL A 12 -1.84 7.81 1.56
N LEU A 13 -1.19 8.01 0.41
CA LEU A 13 -1.71 7.53 -0.88
C LEU A 13 -1.48 6.03 -1.09
N ILE A 14 -0.25 5.54 -0.82
CA ILE A 14 0.08 4.12 -1.04
C ILE A 14 -0.87 3.14 -0.29
N PRO A 15 -0.99 3.20 1.03
CA PRO A 15 -1.84 2.21 1.79
C PRO A 15 -3.32 2.29 1.44
N VAL A 16 -3.88 3.51 1.40
CA VAL A 16 -5.29 3.68 1.07
C VAL A 16 -5.56 3.25 -0.38
N GLY A 17 -4.68 3.68 -1.28
CA GLY A 17 -4.81 3.34 -2.70
C GLY A 17 -4.69 1.84 -2.94
N THR A 18 -3.63 1.24 -2.40
CA THR A 18 -3.40 -0.20 -2.58
C THR A 18 -4.42 -1.05 -1.86
N VAL A 19 -4.88 -0.62 -0.68
CA VAL A 19 -5.87 -1.42 0.06
C VAL A 19 -7.19 -1.46 -0.71
N GLY A 20 -7.65 -0.30 -1.19
CA GLY A 20 -8.91 -0.26 -1.94
C GLY A 20 -8.80 -1.02 -3.27
N LEU A 21 -7.70 -0.79 -4.00
CA LEU A 21 -7.49 -1.45 -5.28
C LEU A 21 -7.28 -2.96 -5.13
N ILE A 22 -6.57 -3.38 -4.07
CA ILE A 22 -6.32 -4.79 -3.83
C ILE A 22 -7.61 -5.52 -3.44
N ILE A 23 -8.45 -4.87 -2.61
CA ILE A 23 -9.72 -5.48 -2.21
C ILE A 23 -10.62 -5.64 -3.43
N THR A 24 -10.64 -4.63 -4.30
CA THR A 24 -11.46 -4.68 -5.51
C THR A 24 -10.92 -5.76 -6.46
N LEU A 25 -9.60 -5.86 -6.57
CA LEU A 25 -8.96 -6.83 -7.46
C LEU A 25 -9.23 -8.27 -6.99
N ILE A 26 -9.00 -8.54 -5.70
CA ILE A 26 -9.24 -9.89 -5.17
C ILE A 26 -10.72 -10.25 -5.27
N PHE A 27 -11.61 -9.28 -4.99
CA PHE A 27 -13.06 -9.52 -5.08
C PHE A 27 -13.41 -9.88 -6.53
N VAL A 28 -12.81 -9.14 -7.46
CA VAL A 28 -13.02 -9.37 -8.90
C VAL A 28 -12.54 -10.78 -9.27
N TYR A 29 -11.42 -11.21 -8.69
CA TYR A 29 -10.87 -12.53 -8.97
C TYR A 29 -11.84 -13.62 -8.53
N PHE A 30 -12.39 -13.47 -7.31
CA PHE A 30 -13.34 -14.44 -6.77
C PHE A 30 -14.60 -14.51 -7.65
N TRP A 31 -15.10 -13.35 -8.06
CA TRP A 31 -16.31 -13.29 -8.90
C TRP A 31 -16.05 -13.97 -10.25
N LEU A 32 -14.87 -13.74 -10.81
CA LEU A 32 -14.50 -14.32 -12.10
C LEU A 32 -14.45 -15.85 -11.99
N GLU A 33 -13.86 -16.35 -10.90
CA GLU A 33 -13.74 -17.80 -10.66
C GLU A 33 -12.91 -18.46 -11.76
N ARG A 34 -12.19 -19.52 -11.39
CA ARG A 34 -11.34 -20.26 -12.34
C ARG A 34 -12.21 -21.17 -13.21
N GLY B 1 16.28 21.12 9.85
CA GLY B 1 15.55 19.87 9.51
C GLY B 1 16.00 18.74 10.43
N GLY B 2 16.40 17.61 9.84
CA GLY B 2 16.87 16.46 10.62
C GLY B 2 17.20 15.28 9.70
N TRP B 3 17.24 14.07 10.26
CA TRP B 3 17.55 12.87 9.49
C TRP B 3 16.39 11.88 9.56
N ASP B 4 16.52 10.75 8.84
CA ASP B 4 15.48 9.72 8.82
C ASP B 4 15.75 8.66 9.92
N PRO B 5 14.82 8.41 10.85
CA PRO B 5 15.02 7.40 11.92
C PRO B 5 14.79 5.96 11.43
N VAL B 6 15.47 5.00 12.05
CA VAL B 6 15.34 3.58 11.66
C VAL B 6 14.55 2.78 12.71
N LEU B 7 14.12 3.44 13.81
CA LEU B 7 13.37 2.77 14.87
C LEU B 7 12.19 1.96 14.28
N PRO B 8 11.69 0.94 14.98
CA PRO B 8 10.56 0.10 14.47
C PRO B 8 9.21 0.83 14.56
N SER B 9 8.79 1.42 13.44
CA SER B 9 7.51 2.15 13.38
C SER B 9 7.21 2.59 11.93
N VAL B 10 7.98 3.58 11.44
CA VAL B 10 7.80 4.07 10.07
C VAL B 10 8.22 3.00 9.05
N THR B 11 9.31 2.29 9.35
CA THR B 11 9.82 1.24 8.47
C THR B 11 8.80 0.11 8.30
N ILE B 12 8.08 -0.21 9.37
CA ILE B 12 7.07 -1.28 9.33
C ILE B 12 5.96 -0.90 8.33
N LEU B 13 5.47 0.34 8.45
CA LEU B 13 4.40 0.83 7.57
C LEU B 13 4.90 0.84 6.11
N SER B 14 6.15 1.24 5.90
CA SER B 14 6.72 1.30 4.56
C SER B 14 6.79 -0.12 3.96
N LEU B 15 7.21 -1.09 4.77
CA LEU B 15 7.30 -2.48 4.33
C LEU B 15 5.92 -3.00 3.93
N PHE B 16 4.91 -2.67 4.73
CA PHE B 16 3.55 -3.10 4.46
C PHE B 16 3.07 -2.53 3.12
N SER B 17 3.38 -1.24 2.89
CA SER B 17 3.00 -0.57 1.65
C SER B 17 3.62 -1.28 0.44
N VAL B 18 4.92 -1.58 0.55
CA VAL B 18 5.63 -2.26 -0.54
C VAL B 18 5.00 -3.62 -0.82
N PHE B 19 4.67 -4.38 0.24
CA PHE B 19 4.05 -5.70 0.08
C PHE B 19 2.74 -5.58 -0.69
N LEU B 20 1.90 -4.63 -0.28
CA LEU B 20 0.61 -4.41 -0.94
C LEU B 20 0.86 -4.01 -2.41
N LEU B 21 1.91 -3.22 -2.65
CA LEU B 21 2.26 -2.80 -4.00
C LEU B 21 2.57 -4.03 -4.86
N VAL B 22 3.28 -5.00 -4.28
CA VAL B 22 3.62 -6.23 -4.97
C VAL B 22 2.34 -6.99 -5.35
N ILE B 23 1.35 -7.03 -4.45
CA ILE B 23 0.09 -7.73 -4.74
C ILE B 23 -0.59 -7.06 -5.94
N LEU B 24 -0.61 -5.72 -5.95
CA LEU B 24 -1.23 -4.97 -7.04
C LEU B 24 -0.55 -5.26 -8.38
N ALA B 25 0.78 -5.19 -8.39
CA ALA B 25 1.55 -5.44 -9.61
C ALA B 25 1.40 -6.88 -10.07
N HIS B 26 1.25 -7.80 -9.13
CA HIS B 26 1.10 -9.22 -9.44
C HIS B 26 -0.22 -9.48 -10.16
N VAL B 27 -1.32 -8.91 -9.62
CA VAL B 27 -2.64 -9.09 -10.22
C VAL B 27 -2.67 -8.46 -11.62
N LEU B 28 -2.11 -7.25 -11.75
CA LEU B 28 -2.08 -6.56 -13.05
C LEU B 28 -1.23 -7.35 -14.05
N TRP B 29 -0.13 -7.94 -13.56
CA TRP B 29 0.78 -8.72 -14.43
C TRP B 29 0.12 -10.01 -14.91
N LYS B 30 -0.77 -10.57 -14.09
CA LYS B 30 -1.47 -11.81 -14.43
C LYS B 30 -2.40 -11.64 -15.64
N LYS B 31 -2.56 -10.41 -16.13
CA LYS B 31 -3.41 -10.13 -17.27
C LYS B 31 -2.62 -10.31 -18.57
N GLU A 1 -13.09 22.85 3.09
CA GLU A 1 -12.19 22.12 2.17
C GLU A 1 -10.75 22.24 2.68
N GLU A 2 -10.14 21.09 3.02
CA GLU A 2 -8.77 21.08 3.53
C GLU A 2 -8.01 19.85 3.01
N ASN A 3 -7.19 20.07 1.98
CA ASN A 3 -6.41 18.98 1.38
C ASN A 3 -4.98 19.46 1.03
N PRO A 4 -4.12 19.70 2.03
CA PRO A 4 -2.71 20.16 1.77
C PRO A 4 -1.91 19.14 0.97
N SER A 5 -0.93 19.63 0.19
CA SER A 5 -0.09 18.75 -0.62
C SER A 5 0.64 17.73 0.26
N LEU A 6 1.15 18.19 1.41
CA LEU A 6 1.86 17.32 2.33
C LEU A 6 0.92 16.32 3.01
N PHE A 7 -0.38 16.65 3.12
CA PHE A 7 -1.31 15.72 3.77
C PHE A 7 -1.55 14.49 2.87
N ALA A 8 -0.99 14.49 1.65
CA ALA A 8 -1.07 13.34 0.77
C ALA A 8 0.23 12.54 0.94
N LEU A 9 0.60 12.34 2.21
CA LEU A 9 1.82 11.65 2.57
C LEU A 9 1.92 10.28 1.90
N GLU A 10 3.10 9.72 1.92
CA GLU A 10 3.35 8.41 1.31
C GLU A 10 2.61 7.30 2.08
N ALA A 11 2.53 7.43 3.41
CA ALA A 11 1.87 6.41 4.24
C ALA A 11 0.34 6.49 4.14
N VAL A 12 -0.20 7.65 3.73
CA VAL A 12 -1.64 7.79 3.61
C VAL A 12 -2.14 7.35 2.21
N LEU A 13 -1.41 7.74 1.16
CA LEU A 13 -1.82 7.41 -0.22
C LEU A 13 -1.51 5.96 -0.67
N ILE A 14 -0.31 5.43 -0.32
CA ILE A 14 0.06 4.09 -0.78
C ILE A 14 -0.72 2.97 -0.07
N PRO A 15 -0.73 2.87 1.27
CA PRO A 15 -1.43 1.75 1.98
C PRO A 15 -2.96 1.78 1.77
N VAL A 16 -3.58 2.96 1.89
CA VAL A 16 -5.03 3.09 1.71
C VAL A 16 -5.39 2.78 0.25
N GLY A 17 -4.60 3.34 -0.67
CA GLY A 17 -4.83 3.15 -2.11
C GLY A 17 -4.68 1.69 -2.51
N THR A 18 -3.57 1.07 -2.08
CA THR A 18 -3.30 -0.33 -2.41
C THR A 18 -4.30 -1.27 -1.74
N VAL A 19 -4.73 -0.96 -0.51
CA VAL A 19 -5.69 -1.82 0.19
C VAL A 19 -7.02 -1.85 -0.59
N GLY A 20 -7.53 -0.67 -0.96
CA GLY A 20 -8.77 -0.60 -1.72
C GLY A 20 -8.63 -1.27 -3.08
N LEU A 21 -7.48 -1.02 -3.73
CA LEU A 21 -7.19 -1.60 -5.04
C LEU A 21 -7.09 -3.12 -5.00
N ILE A 22 -6.47 -3.64 -3.94
CA ILE A 22 -6.29 -5.08 -3.77
C ILE A 22 -7.64 -5.75 -3.52
N ILE A 23 -8.48 -5.15 -2.68
CA ILE A 23 -9.79 -5.72 -2.39
C ILE A 23 -10.62 -5.77 -3.67
N THR A 24 -10.59 -4.67 -4.43
CA THR A 24 -11.33 -4.60 -5.70
C THR A 24 -10.79 -5.63 -6.69
N LEU A 25 -9.47 -5.79 -6.72
CA LEU A 25 -8.81 -6.72 -7.62
C LEU A 25 -9.21 -8.17 -7.33
N ILE A 26 -9.14 -8.58 -6.05
CA ILE A 26 -9.52 -9.94 -5.68
C ILE A 26 -11.01 -10.16 -5.95
N PHE A 27 -11.82 -9.12 -5.75
CA PHE A 27 -13.27 -9.20 -5.97
C PHE A 27 -13.59 -9.47 -7.45
N VAL A 28 -12.96 -8.70 -8.35
CA VAL A 28 -13.18 -8.88 -9.79
C VAL A 28 -12.66 -10.25 -10.23
N TYR A 29 -11.55 -10.69 -9.63
CA TYR A 29 -10.95 -11.99 -9.95
C TYR A 29 -11.94 -13.12 -9.61
N PHE A 30 -12.55 -13.04 -8.43
CA PHE A 30 -13.51 -14.05 -7.99
C PHE A 30 -14.75 -14.05 -8.90
N TRP A 31 -15.22 -12.85 -9.24
CA TRP A 31 -16.39 -12.72 -10.11
C TRP A 31 -16.12 -13.35 -11.48
N LEU A 32 -14.93 -13.12 -12.01
CA LEU A 32 -14.53 -13.66 -13.30
C LEU A 32 -14.47 -15.18 -13.25
N GLU A 33 -13.87 -15.72 -12.17
CA GLU A 33 -13.76 -17.17 -11.99
C GLU A 33 -14.71 -17.66 -10.91
N ARG A 34 -15.87 -18.16 -11.32
CA ARG A 34 -16.88 -18.67 -10.38
C ARG A 34 -17.71 -19.78 -11.03
N GLY B 1 9.75 -11.05 29.26
CA GLY B 1 11.06 -10.34 29.10
C GLY B 1 10.94 -8.92 29.66
N GLY B 2 11.28 -7.93 28.83
CA GLY B 2 11.22 -6.53 29.25
C GLY B 2 11.76 -5.61 28.15
N TRP B 3 11.86 -4.31 28.46
CA TRP B 3 12.35 -3.31 27.51
C TRP B 3 11.43 -3.22 26.29
N ASP B 4 11.18 -1.99 25.83
CA ASP B 4 10.31 -1.76 24.67
C ASP B 4 11.15 -1.36 23.43
N PRO B 5 11.16 -2.16 22.35
CA PRO B 5 11.94 -1.81 21.12
C PRO B 5 11.40 -0.56 20.41
N VAL B 6 12.29 0.20 19.79
CA VAL B 6 11.90 1.42 19.07
C VAL B 6 12.42 1.39 17.63
N LEU B 7 11.50 1.53 16.66
CA LEU B 7 11.87 1.52 15.24
C LEU B 7 11.61 2.89 14.59
N PRO B 8 12.24 3.21 13.47
CA PRO B 8 12.04 4.53 12.78
C PRO B 8 10.56 4.83 12.51
N SER B 9 9.72 3.78 12.51
CA SER B 9 8.27 3.92 12.26
C SER B 9 7.99 4.14 10.77
N VAL B 10 8.69 5.08 10.15
CA VAL B 10 8.50 5.38 8.73
C VAL B 10 8.90 4.17 7.87
N THR B 11 9.99 3.51 8.26
CA THR B 11 10.50 2.34 7.53
C THR B 11 9.50 1.18 7.54
N ILE B 12 8.92 0.87 8.71
CA ILE B 12 7.97 -0.24 8.81
C ILE B 12 6.71 0.01 7.97
N LEU B 13 6.19 1.25 8.00
CA LEU B 13 5.02 1.60 7.21
C LEU B 13 5.35 1.53 5.72
N SER B 14 6.56 1.96 5.35
CA SER B 14 6.99 1.92 3.95
C SER B 14 7.02 0.47 3.47
N LEU B 15 7.56 -0.42 4.31
CA LEU B 15 7.63 -1.84 3.98
C LEU B 15 6.23 -2.39 3.73
N PHE B 16 5.28 -1.98 4.59
CA PHE B 16 3.89 -2.42 4.46
C PHE B 16 3.33 -1.97 3.11
N SER B 17 3.62 -0.72 2.72
CA SER B 17 3.14 -0.16 1.46
C SER B 17 3.67 -1.00 0.29
N VAL B 18 4.95 -1.35 0.35
CA VAL B 18 5.57 -2.15 -0.70
C VAL B 18 4.90 -3.53 -0.78
N PHE B 19 4.60 -4.13 0.38
CA PHE B 19 3.96 -5.46 0.42
C PHE B 19 2.60 -5.42 -0.29
N LEU B 20 1.77 -4.42 0.04
CA LEU B 20 0.46 -4.30 -0.59
C LEU B 20 0.63 -4.02 -2.09
N LEU B 21 1.66 -3.24 -2.42
CA LEU B 21 1.97 -2.93 -3.82
C LEU B 21 2.27 -4.22 -4.58
N VAL B 22 3.00 -5.15 -3.91
CA VAL B 22 3.33 -6.43 -4.51
C VAL B 22 2.04 -7.20 -4.83
N ILE B 23 1.04 -7.13 -3.94
CA ILE B 23 -0.23 -7.83 -4.19
C ILE B 23 -0.87 -7.26 -5.48
N LEU B 24 -0.86 -5.93 -5.60
CA LEU B 24 -1.43 -5.27 -6.78
C LEU B 24 -0.72 -5.72 -8.05
N ALA B 25 0.62 -5.71 -8.02
CA ALA B 25 1.42 -6.12 -9.18
C ALA B 25 1.18 -7.60 -9.52
N HIS B 26 0.94 -8.41 -8.49
CA HIS B 26 0.71 -9.84 -8.68
C HIS B 26 -0.58 -10.08 -9.46
N VAL B 27 -1.68 -9.46 -9.00
CA VAL B 27 -2.97 -9.63 -9.69
C VAL B 27 -2.88 -9.04 -11.10
N LEU B 28 -2.21 -7.90 -11.24
CA LEU B 28 -2.06 -7.24 -12.54
C LEU B 28 -1.29 -8.16 -13.51
N TRP B 29 -0.27 -8.85 -12.99
CA TRP B 29 0.55 -9.76 -13.79
C TRP B 29 -0.29 -10.94 -14.28
N LYS B 30 -1.09 -11.46 -13.37
CA LYS B 30 -1.96 -12.60 -13.67
C LYS B 30 -2.96 -12.24 -14.76
N LYS B 31 -3.48 -11.03 -14.68
CA LYS B 31 -4.45 -10.52 -15.65
C LYS B 31 -4.79 -9.06 -15.36
N GLU A 1 -4.68 23.95 1.01
CA GLU A 1 -4.68 23.01 2.18
C GLU A 1 -3.57 21.96 2.02
N GLU A 2 -3.20 21.66 0.76
CA GLU A 2 -2.16 20.67 0.48
C GLU A 2 -0.77 21.33 0.45
N ASN A 3 -0.60 22.43 1.20
CA ASN A 3 0.68 23.13 1.27
C ASN A 3 1.71 22.33 2.10
N PRO A 4 1.38 21.93 3.34
CA PRO A 4 2.34 21.16 4.19
C PRO A 4 2.95 19.97 3.44
N SER A 5 4.28 19.96 3.32
CA SER A 5 5.00 18.89 2.62
C SER A 5 4.83 17.56 3.37
N LEU A 6 4.82 17.62 4.70
CA LEU A 6 4.67 16.42 5.54
C LEU A 6 3.26 15.84 5.44
N PHE A 7 2.25 16.67 5.12
CA PHE A 7 0.87 16.18 5.03
C PHE A 7 0.73 15.28 3.79
N ALA A 8 1.54 15.54 2.75
CA ALA A 8 1.52 14.68 1.56
C ALA A 8 1.71 13.21 2.00
N LEU A 9 2.46 13.04 3.11
CA LEU A 9 2.75 11.74 3.74
C LEU A 9 2.72 10.57 2.76
N GLU A 10 3.89 10.03 2.46
CA GLU A 10 3.99 8.90 1.55
C GLU A 10 3.20 7.70 2.10
N ALA A 11 3.19 7.54 3.42
CA ALA A 11 2.48 6.43 4.08
C ALA A 11 0.96 6.56 3.99
N VAL A 12 0.42 7.75 3.70
CA VAL A 12 -1.03 7.92 3.66
C VAL A 12 -1.60 7.58 2.27
N LEU A 13 -0.85 7.92 1.21
CA LEU A 13 -1.29 7.68 -0.17
C LEU A 13 -1.13 6.23 -0.66
N ILE A 14 -0.02 5.56 -0.30
CA ILE A 14 0.24 4.19 -0.81
C ILE A 14 -0.68 3.10 -0.18
N PRO A 15 -0.77 2.98 1.14
CA PRO A 15 -1.57 1.90 1.80
C PRO A 15 -3.07 1.96 1.50
N VAL A 16 -3.68 3.15 1.60
CA VAL A 16 -5.11 3.28 1.33
C VAL A 16 -5.42 2.97 -0.14
N GLY A 17 -4.59 3.50 -1.04
CA GLY A 17 -4.77 3.29 -2.47
C GLY A 17 -4.60 1.82 -2.85
N THR A 18 -3.50 1.21 -2.40
CA THR A 18 -3.23 -0.19 -2.70
C THR A 18 -4.24 -1.13 -2.04
N VAL A 19 -4.65 -0.83 -0.81
CA VAL A 19 -5.62 -1.69 -0.12
C VAL A 19 -6.95 -1.68 -0.88
N GLY A 20 -7.41 -0.50 -1.28
CA GLY A 20 -8.68 -0.39 -2.01
C GLY A 20 -8.61 -1.12 -3.36
N LEU A 21 -7.52 -0.92 -4.10
CA LEU A 21 -7.35 -1.57 -5.40
C LEU A 21 -7.20 -3.10 -5.25
N ILE A 22 -6.52 -3.54 -4.20
CA ILE A 22 -6.31 -4.96 -3.96
C ILE A 22 -7.63 -5.65 -3.59
N ILE A 23 -8.45 -5.01 -2.76
CA ILE A 23 -9.73 -5.59 -2.37
C ILE A 23 -10.64 -5.69 -3.60
N THR A 24 -10.65 -4.64 -4.43
CA THR A 24 -11.47 -4.63 -5.64
C THR A 24 -11.00 -5.70 -6.61
N LEU A 25 -9.67 -5.83 -6.75
CA LEU A 25 -9.07 -6.81 -7.65
C LEU A 25 -9.39 -8.24 -7.21
N ILE A 26 -9.20 -8.53 -5.92
CA ILE A 26 -9.50 -9.86 -5.38
C ILE A 26 -11.00 -10.16 -5.56
N PHE A 27 -11.84 -9.14 -5.40
CA PHE A 27 -13.30 -9.30 -5.52
C PHE A 27 -13.69 -9.69 -6.96
N VAL A 28 -13.15 -8.96 -7.94
CA VAL A 28 -13.45 -9.26 -9.35
C VAL A 28 -12.89 -10.62 -9.76
N TYR A 29 -11.73 -10.97 -9.22
CA TYR A 29 -11.08 -12.25 -9.51
C TYR A 29 -11.94 -13.40 -8.96
N PHE A 30 -12.46 -13.22 -7.75
CA PHE A 30 -13.29 -14.23 -7.10
C PHE A 30 -14.59 -14.45 -7.87
N TRP A 31 -15.23 -13.33 -8.25
CA TRP A 31 -16.50 -13.39 -8.99
C TRP A 31 -16.30 -14.07 -10.34
N LEU A 32 -15.23 -13.70 -11.05
CA LEU A 32 -14.94 -14.28 -12.36
C LEU A 32 -14.70 -15.79 -12.24
N GLU A 33 -13.86 -16.18 -11.27
CA GLU A 33 -13.53 -17.59 -11.04
C GLU A 33 -12.84 -18.19 -12.26
N ARG A 34 -11.94 -19.15 -12.02
CA ARG A 34 -11.21 -19.81 -13.10
C ARG A 34 -12.07 -20.88 -13.77
N GLY B 1 8.33 15.46 20.32
CA GLY B 1 8.59 15.42 21.80
C GLY B 1 8.91 13.98 22.23
N GLY B 2 9.18 13.81 23.52
CA GLY B 2 9.50 12.48 24.06
C GLY B 2 11.02 12.31 24.24
N TRP B 3 11.42 11.31 25.02
CA TRP B 3 12.84 11.04 25.26
C TRP B 3 13.40 10.11 24.18
N ASP B 4 12.61 9.13 23.75
CA ASP B 4 13.03 8.18 22.72
C ASP B 4 12.84 8.79 21.32
N PRO B 5 13.88 8.85 20.47
CA PRO B 5 13.75 9.44 19.09
C PRO B 5 12.73 8.67 18.23
N VAL B 6 12.08 9.39 17.30
CA VAL B 6 11.09 8.78 16.42
C VAL B 6 11.78 8.11 15.23
N LEU B 7 11.38 6.87 14.93
CA LEU B 7 11.97 6.12 13.81
C LEU B 7 11.23 4.78 13.58
N PRO B 8 10.99 3.96 14.60
CA PRO B 8 10.28 2.65 14.43
C PRO B 8 8.78 2.86 14.15
N SER B 9 8.46 3.21 12.90
CA SER B 9 7.07 3.43 12.48
C SER B 9 7.00 3.69 10.97
N VAL B 10 7.81 4.63 10.49
CA VAL B 10 7.83 4.99 9.07
C VAL B 10 8.30 3.79 8.22
N THR B 11 9.30 3.07 8.72
CA THR B 11 9.84 1.91 7.99
C THR B 11 8.82 0.76 7.95
N ILE B 12 8.08 0.57 9.04
CA ILE B 12 7.09 -0.51 9.11
C ILE B 12 5.96 -0.23 8.11
N LEU B 13 5.43 1.00 8.14
CA LEU B 13 4.36 1.38 7.22
C LEU B 13 4.87 1.30 5.78
N SER B 14 6.16 1.65 5.56
CA SER B 14 6.75 1.57 4.24
C SER B 14 6.75 0.13 3.75
N LEU B 15 7.11 -0.80 4.65
CA LEU B 15 7.15 -2.22 4.32
C LEU B 15 5.75 -2.69 3.89
N PHE B 16 4.73 -2.27 4.64
CA PHE B 16 3.35 -2.64 4.32
C PHE B 16 2.99 -2.12 2.92
N SER B 17 3.42 -0.90 2.60
CA SER B 17 3.15 -0.30 1.30
C SER B 17 3.76 -1.14 0.18
N VAL B 18 5.01 -1.56 0.37
CA VAL B 18 5.71 -2.38 -0.63
C VAL B 18 4.99 -3.72 -0.81
N PHE B 19 4.59 -4.35 0.30
CA PHE B 19 3.91 -5.64 0.24
C PHE B 19 2.60 -5.55 -0.53
N LEU B 20 1.77 -4.53 -0.22
CA LEU B 20 0.51 -4.34 -0.92
C LEU B 20 0.78 -4.01 -2.38
N LEU B 21 1.87 -3.28 -2.64
CA LEU B 21 2.26 -2.94 -4.01
C LEU B 21 2.52 -4.23 -4.79
N VAL B 22 3.17 -5.20 -4.13
CA VAL B 22 3.46 -6.49 -4.75
C VAL B 22 2.14 -7.18 -5.13
N ILE B 23 1.12 -7.08 -4.26
CA ILE B 23 -0.19 -7.69 -4.56
C ILE B 23 -0.75 -7.06 -5.84
N LEU B 24 -0.72 -5.73 -5.91
CA LEU B 24 -1.23 -5.00 -7.06
C LEU B 24 -0.53 -5.42 -8.36
N ALA B 25 0.81 -5.45 -8.30
CA ALA B 25 1.62 -5.83 -9.46
C ALA B 25 1.37 -7.30 -9.85
N HIS B 26 1.11 -8.13 -8.84
CA HIS B 26 0.87 -9.55 -9.07
C HIS B 26 -0.42 -9.77 -9.87
N VAL B 27 -1.49 -9.06 -9.48
CA VAL B 27 -2.77 -9.21 -10.18
C VAL B 27 -2.69 -8.60 -11.59
N LEU B 28 -2.05 -7.42 -11.70
CA LEU B 28 -1.92 -6.75 -12.99
C LEU B 28 -0.94 -7.50 -13.92
N TRP B 29 -0.05 -8.31 -13.33
CA TRP B 29 0.93 -9.08 -14.12
C TRP B 29 0.32 -10.40 -14.59
N LYS B 30 -0.50 -10.99 -13.73
CA LYS B 30 -1.16 -12.26 -14.03
C LYS B 30 -2.18 -12.13 -15.16
N LYS B 31 -2.86 -10.99 -15.17
CA LYS B 31 -3.87 -10.70 -16.20
C LYS B 31 -3.84 -9.23 -16.59
N GLU A 1 -6.69 29.25 4.37
CA GLU A 1 -7.90 28.65 3.73
C GLU A 1 -7.84 27.13 3.88
N GLU A 2 -6.78 26.51 3.34
CA GLU A 2 -6.62 25.06 3.42
C GLU A 2 -5.12 24.69 3.48
N ASN A 3 -4.84 23.39 3.59
CA ASN A 3 -3.46 22.90 3.66
C ASN A 3 -3.30 21.59 2.85
N PRO A 4 -3.05 21.67 1.54
CA PRO A 4 -2.89 20.45 0.67
C PRO A 4 -1.60 19.68 0.97
N SER A 5 -0.61 20.36 1.58
CA SER A 5 0.66 19.73 1.92
C SER A 5 0.44 18.54 2.85
N LEU A 6 -0.38 18.72 3.88
CA LEU A 6 -0.65 17.65 4.85
C LEU A 6 -1.60 16.60 4.24
N PHE A 7 -2.43 16.99 3.26
CA PHE A 7 -3.36 16.04 2.65
C PHE A 7 -2.62 15.02 1.79
N ALA A 8 -1.28 15.16 1.66
CA ALA A 8 -0.47 14.19 0.94
C ALA A 8 0.05 13.16 1.97
N LEU A 9 -0.84 12.79 2.90
CA LEU A 9 -0.52 11.87 3.98
C LEU A 9 0.26 10.65 3.49
N GLU A 10 1.23 10.24 4.29
CA GLU A 10 2.05 9.07 3.95
C GLU A 10 1.20 7.79 4.03
N ALA A 11 0.28 7.75 5.00
CA ALA A 11 -0.57 6.57 5.21
C ALA A 11 -1.72 6.49 4.18
N VAL A 12 -2.11 7.63 3.60
CA VAL A 12 -3.19 7.65 2.62
C VAL A 12 -2.66 7.41 1.19
N LEU A 13 -1.50 8.00 0.91
CA LEU A 13 -0.88 7.95 -0.41
C LEU A 13 -0.60 6.54 -0.94
N ILE A 14 -0.14 5.61 -0.09
CA ILE A 14 0.18 4.24 -0.59
C ILE A 14 -0.69 3.13 0.06
N PRO A 15 -0.79 3.04 1.39
CA PRO A 15 -1.58 1.93 2.03
C PRO A 15 -3.07 1.96 1.70
N VAL A 16 -3.70 3.14 1.78
CA VAL A 16 -5.13 3.26 1.48
C VAL A 16 -5.38 2.95 0.00
N GLY A 17 -4.52 3.50 -0.86
CA GLY A 17 -4.66 3.30 -2.30
C GLY A 17 -4.49 1.82 -2.69
N THR A 18 -3.40 1.20 -2.20
CA THR A 18 -3.14 -0.21 -2.51
C THR A 18 -4.17 -1.14 -1.88
N VAL A 19 -4.56 -0.88 -0.63
CA VAL A 19 -5.53 -1.76 0.05
C VAL A 19 -6.88 -1.74 -0.70
N GLY A 20 -7.35 -0.54 -1.06
CA GLY A 20 -8.62 -0.42 -1.78
C GLY A 20 -8.54 -1.07 -3.15
N LEU A 21 -7.46 -0.78 -3.88
CA LEU A 21 -7.27 -1.32 -5.23
C LEU A 21 -7.09 -2.85 -5.20
N ILE A 22 -6.41 -3.36 -4.17
CA ILE A 22 -6.17 -4.80 -4.02
C ILE A 22 -7.49 -5.52 -3.71
N ILE A 23 -8.30 -4.94 -2.80
CA ILE A 23 -9.58 -5.56 -2.45
C ILE A 23 -10.47 -5.61 -3.70
N THR A 24 -10.46 -4.52 -4.47
CA THR A 24 -11.24 -4.46 -5.69
C THR A 24 -10.75 -5.49 -6.71
N LEU A 25 -9.42 -5.64 -6.79
CA LEU A 25 -8.82 -6.60 -7.73
C LEU A 25 -9.19 -8.04 -7.39
N ILE A 26 -9.04 -8.43 -6.12
CA ILE A 26 -9.39 -9.79 -5.70
C ILE A 26 -10.90 -10.02 -5.89
N PHE A 27 -11.71 -8.97 -5.67
CA PHE A 27 -13.15 -9.07 -5.82
C PHE A 27 -13.54 -9.35 -7.27
N VAL A 28 -12.97 -8.58 -8.22
CA VAL A 28 -13.28 -8.77 -9.64
C VAL A 28 -12.78 -10.14 -10.11
N TYR A 29 -11.64 -10.57 -9.58
CA TYR A 29 -11.07 -11.87 -9.95
C TYR A 29 -12.00 -13.01 -9.52
N PHE A 30 -12.51 -12.93 -8.29
CA PHE A 30 -13.41 -13.95 -7.76
C PHE A 30 -14.74 -13.97 -8.53
N TRP A 31 -15.32 -12.80 -8.74
CA TRP A 31 -16.60 -12.68 -9.45
C TRP A 31 -16.47 -13.19 -10.90
N LEU A 32 -15.39 -12.82 -11.56
CA LEU A 32 -15.15 -13.24 -12.95
C LEU A 32 -14.93 -14.76 -13.04
N GLU A 33 -14.16 -15.31 -12.09
CA GLU A 33 -13.87 -16.74 -12.08
C GLU A 33 -15.16 -17.56 -12.12
N ARG A 34 -16.00 -17.40 -11.09
CA ARG A 34 -17.27 -18.13 -11.02
C ARG A 34 -18.44 -17.16 -11.18
N GLY B 1 30.00 0.58 5.72
CA GLY B 1 28.80 -0.30 5.66
C GLY B 1 28.37 -0.48 4.21
N GLY B 2 27.08 -0.78 4.00
CA GLY B 2 26.55 -0.99 2.65
C GLY B 2 25.15 -1.61 2.70
N TRP B 3 24.36 -1.22 3.70
CA TRP B 3 23.00 -1.74 3.87
C TRP B 3 22.26 -0.98 4.97
N ASP B 4 20.94 -0.86 4.82
CA ASP B 4 20.11 -0.16 5.81
C ASP B 4 19.13 -1.15 6.48
N PRO B 5 19.01 -1.17 7.82
CA PRO B 5 18.08 -2.10 8.53
C PRO B 5 16.65 -1.57 8.57
N VAL B 6 15.68 -2.49 8.67
CA VAL B 6 14.26 -2.12 8.74
C VAL B 6 13.81 -2.11 10.21
N LEU B 7 13.18 -1.00 10.63
CA LEU B 7 12.69 -0.87 12.01
C LEU B 7 11.98 0.48 12.24
N PRO B 8 12.59 1.63 11.89
CA PRO B 8 11.95 2.96 12.11
C PRO B 8 10.50 2.99 11.63
N SER B 9 9.77 4.05 12.00
CA SER B 9 8.37 4.20 11.60
C SER B 9 8.25 4.30 10.07
N VAL B 10 9.20 5.00 9.45
CA VAL B 10 9.21 5.17 7.99
C VAL B 10 9.51 3.84 7.28
N THR B 11 10.42 3.05 7.85
CA THR B 11 10.81 1.77 7.26
C THR B 11 9.68 0.72 7.33
N ILE B 12 8.97 0.67 8.46
CA ILE B 12 7.87 -0.29 8.62
C ILE B 12 6.70 0.08 7.71
N LEU B 13 6.40 1.38 7.64
CA LEU B 13 5.32 1.88 6.79
C LEU B 13 5.67 1.58 5.33
N SER B 14 6.94 1.81 4.97
CA SER B 14 7.41 1.55 3.61
C SER B 14 7.30 0.07 3.28
N LEU B 15 7.61 -0.79 4.27
CA LEU B 15 7.54 -2.24 4.08
C LEU B 15 6.11 -2.67 3.79
N PHE B 16 5.14 -2.13 4.54
CA PHE B 16 3.73 -2.47 4.33
C PHE B 16 3.28 -2.04 2.94
N SER B 17 3.66 -0.83 2.53
CA SER B 17 3.29 -0.31 1.22
C SER B 17 3.84 -1.18 0.10
N VAL B 18 5.11 -1.56 0.23
CA VAL B 18 5.76 -2.41 -0.77
C VAL B 18 5.07 -3.78 -0.85
N PHE B 19 4.74 -4.34 0.32
CA PHE B 19 4.08 -5.66 0.37
C PHE B 19 2.75 -5.63 -0.37
N LEU B 20 1.93 -4.61 -0.07
CA LEU B 20 0.63 -4.46 -0.72
C LEU B 20 0.83 -4.21 -2.22
N LEU B 21 1.89 -3.47 -2.56
CA LEU B 21 2.22 -3.18 -3.95
C LEU B 21 2.49 -4.50 -4.69
N VAL B 22 3.17 -5.43 -4.00
CA VAL B 22 3.48 -6.73 -4.58
C VAL B 22 2.17 -7.46 -4.89
N ILE B 23 1.17 -7.35 -3.99
CA ILE B 23 -0.13 -8.00 -4.25
C ILE B 23 -0.74 -7.43 -5.53
N LEU B 24 -0.76 -6.10 -5.65
CA LEU B 24 -1.34 -5.44 -6.82
C LEU B 24 -0.64 -5.90 -8.11
N ALA B 25 0.69 -5.89 -8.09
CA ALA B 25 1.49 -6.31 -9.25
C ALA B 25 1.25 -7.78 -9.57
N HIS B 26 1.04 -8.58 -8.53
CA HIS B 26 0.81 -10.02 -8.69
C HIS B 26 -0.49 -10.28 -9.45
N VAL B 27 -1.55 -9.56 -9.09
CA VAL B 27 -2.85 -9.74 -9.76
C VAL B 27 -2.77 -9.22 -11.21
N LEU B 28 -2.13 -8.05 -11.40
CA LEU B 28 -2.01 -7.46 -12.74
C LEU B 28 -1.01 -8.23 -13.62
N TRP B 29 -0.14 -9.05 -13.02
CA TRP B 29 0.84 -9.81 -13.78
C TRP B 29 0.32 -11.21 -14.14
N LYS B 30 -0.49 -11.77 -13.24
CA LYS B 30 -1.05 -13.12 -13.43
C LYS B 30 -2.05 -13.17 -14.60
N LYS B 31 -2.57 -12.00 -14.99
CA LYS B 31 -3.53 -11.92 -16.10
C LYS B 31 -2.81 -12.05 -17.46
N GLU A 1 -8.95 22.48 0.65
CA GLU A 1 -8.99 23.35 -0.56
C GLU A 1 -7.57 23.55 -1.09
N GLU A 2 -6.68 24.04 -0.22
CA GLU A 2 -5.28 24.28 -0.60
C GLU A 2 -4.57 22.97 -0.92
N ASN A 3 -4.82 21.94 -0.09
CA ASN A 3 -4.20 20.62 -0.29
C ASN A 3 -2.66 20.76 -0.43
N PRO A 4 -1.91 20.79 0.67
CA PRO A 4 -0.42 20.92 0.63
C PRO A 4 0.24 19.65 0.07
N SER A 5 1.45 19.81 -0.50
CA SER A 5 2.19 18.69 -1.07
C SER A 5 2.50 17.65 0.02
N LEU A 6 2.85 18.13 1.22
CA LEU A 6 3.18 17.25 2.35
C LEU A 6 1.97 16.43 2.77
N PHE A 7 0.74 16.92 2.54
CA PHE A 7 -0.44 16.16 2.95
C PHE A 7 -0.62 14.90 2.09
N ALA A 8 0.24 14.72 1.08
CA ALA A 8 0.21 13.51 0.25
C ALA A 8 1.28 12.54 0.80
N LEU A 9 1.37 12.49 2.14
CA LEU A 9 2.34 11.67 2.85
C LEU A 9 2.40 10.26 2.28
N GLU A 10 3.42 9.52 2.72
CA GLU A 10 3.61 8.14 2.27
C GLU A 10 2.51 7.22 2.85
N ALA A 11 2.14 7.45 4.10
CA ALA A 11 1.13 6.62 4.78
C ALA A 11 -0.31 6.97 4.35
N VAL A 12 -0.52 8.18 3.85
CA VAL A 12 -1.85 8.61 3.44
C VAL A 12 -2.12 8.24 1.96
N LEU A 13 -1.13 8.46 1.10
CA LEU A 13 -1.27 8.22 -0.34
C LEU A 13 -1.13 6.75 -0.77
N ILE A 14 -0.16 6.00 -0.20
CA ILE A 14 0.09 4.61 -0.64
C ILE A 14 -0.89 3.55 -0.06
N PRO A 15 -1.10 3.48 1.25
CA PRO A 15 -1.98 2.41 1.86
C PRO A 15 -3.45 2.47 1.43
N VAL A 16 -4.05 3.65 1.42
CA VAL A 16 -5.46 3.77 1.02
C VAL A 16 -5.63 3.36 -0.44
N GLY A 17 -4.71 3.83 -1.30
CA GLY A 17 -4.76 3.51 -2.72
C GLY A 17 -4.58 2.01 -2.98
N THR A 18 -3.55 1.42 -2.38
CA THR A 18 -3.26 0.00 -2.56
C THR A 18 -4.34 -0.88 -1.93
N VAL A 19 -4.81 -0.52 -0.75
CA VAL A 19 -5.84 -1.32 -0.07
C VAL A 19 -7.13 -1.33 -0.89
N GLY A 20 -7.52 -0.17 -1.43
CA GLY A 20 -8.75 -0.09 -2.23
C GLY A 20 -8.61 -0.87 -3.54
N LEU A 21 -7.49 -0.69 -4.25
CA LEU A 21 -7.28 -1.38 -5.52
C LEU A 21 -7.10 -2.89 -5.32
N ILE A 22 -6.42 -3.29 -4.23
CA ILE A 22 -6.19 -4.70 -3.94
C ILE A 22 -7.51 -5.39 -3.57
N ILE A 23 -8.33 -4.72 -2.74
CA ILE A 23 -9.61 -5.30 -2.32
C ILE A 23 -10.51 -5.49 -3.56
N THR A 24 -10.56 -4.46 -4.41
CA THR A 24 -11.37 -4.53 -5.63
C THR A 24 -10.83 -5.64 -6.55
N LEU A 25 -9.51 -5.74 -6.64
CA LEU A 25 -8.88 -6.75 -7.49
C LEU A 25 -9.22 -8.17 -7.03
N ILE A 26 -9.07 -8.46 -5.72
CA ILE A 26 -9.37 -9.79 -5.21
C ILE A 26 -10.85 -10.14 -5.45
N PHE A 27 -11.74 -9.14 -5.32
CA PHE A 27 -13.17 -9.38 -5.57
C PHE A 27 -13.39 -9.70 -7.05
N VAL A 28 -12.69 -8.99 -7.92
CA VAL A 28 -12.76 -9.19 -9.36
C VAL A 28 -12.30 -10.62 -9.71
N TYR A 29 -11.22 -11.05 -9.07
CA TYR A 29 -10.67 -12.39 -9.30
C TYR A 29 -11.68 -13.45 -8.86
N PHE A 30 -12.34 -13.19 -7.72
CA PHE A 30 -13.34 -14.11 -7.18
C PHE A 30 -14.49 -14.29 -8.18
N TRP A 31 -14.96 -13.17 -8.74
CA TRP A 31 -16.06 -13.19 -9.71
C TRP A 31 -15.66 -13.95 -10.97
N LEU A 32 -14.47 -13.67 -11.48
CA LEU A 32 -13.96 -14.32 -12.69
C LEU A 32 -13.86 -15.84 -12.48
N GLU A 33 -13.35 -16.25 -11.32
CA GLU A 33 -13.19 -17.68 -11.01
C GLU A 33 -12.38 -18.38 -12.10
N ARG A 34 -11.06 -18.39 -11.93
CA ARG A 34 -10.16 -19.02 -12.89
C ARG A 34 -10.49 -20.51 -13.04
N GLY B 1 22.31 1.33 6.47
CA GLY B 1 21.21 2.18 5.93
C GLY B 1 21.30 3.57 6.56
N GLY B 2 22.25 4.39 6.06
CA GLY B 2 22.44 5.74 6.56
C GLY B 2 23.34 5.75 7.80
N TRP B 3 23.89 6.91 8.13
CA TRP B 3 24.78 7.06 9.28
C TRP B 3 23.97 6.94 10.59
N ASP B 4 22.87 7.70 10.68
CA ASP B 4 22.01 7.67 11.86
C ASP B 4 20.93 6.57 11.74
N PRO B 5 20.72 5.72 12.75
CA PRO B 5 19.69 4.63 12.68
C PRO B 5 18.28 5.20 12.42
N VAL B 6 17.64 4.72 11.36
CA VAL B 6 16.29 5.17 10.99
C VAL B 6 15.28 4.73 12.07
N LEU B 7 14.13 5.41 12.12
CA LEU B 7 13.08 5.08 13.09
C LEU B 7 12.50 3.68 12.82
N PRO B 8 12.11 2.92 13.85
CA PRO B 8 11.53 1.56 13.66
C PRO B 8 10.00 1.59 13.52
N SER B 9 9.49 2.62 12.85
CA SER B 9 8.05 2.77 12.63
C SER B 9 7.74 3.06 11.17
N VAL B 10 8.32 4.15 10.65
CA VAL B 10 8.10 4.55 9.25
C VAL B 10 8.60 3.46 8.29
N THR B 11 9.72 2.83 8.64
CA THR B 11 10.32 1.79 7.81
C THR B 11 9.36 0.60 7.66
N ILE B 12 8.82 0.14 8.79
CA ILE B 12 7.88 -0.98 8.79
C ILE B 12 6.66 -0.63 7.93
N LEU B 13 6.15 0.58 8.12
CA LEU B 13 4.99 1.06 7.36
C LEU B 13 5.30 1.03 5.87
N SER B 14 6.52 1.45 5.51
CA SER B 14 6.96 1.46 4.12
C SER B 14 6.95 0.05 3.55
N LEU B 15 7.50 -0.90 4.30
CA LEU B 15 7.56 -2.29 3.88
C LEU B 15 6.15 -2.81 3.62
N PHE B 16 5.20 -2.44 4.48
CA PHE B 16 3.81 -2.87 4.33
C PHE B 16 3.24 -2.33 3.02
N SER B 17 3.52 -1.06 2.72
CA SER B 17 3.05 -0.43 1.49
C SER B 17 3.58 -1.16 0.26
N VAL B 18 4.88 -1.43 0.25
CA VAL B 18 5.51 -2.13 -0.87
C VAL B 18 4.89 -3.54 -1.03
N PHE B 19 4.65 -4.21 0.10
CA PHE B 19 4.07 -5.56 0.08
C PHE B 19 2.71 -5.54 -0.62
N LEU B 20 1.86 -4.59 -0.23
CA LEU B 20 0.54 -4.46 -0.83
C LEU B 20 0.68 -4.11 -2.32
N LEU B 21 1.70 -3.30 -2.65
CA LEU B 21 1.97 -2.92 -4.02
C LEU B 21 2.28 -4.18 -4.84
N VAL B 22 3.03 -5.10 -4.24
CA VAL B 22 3.37 -6.36 -4.88
C VAL B 22 2.08 -7.15 -5.16
N ILE B 23 1.11 -7.09 -4.23
CA ILE B 23 -0.17 -7.80 -4.44
C ILE B 23 -0.84 -7.26 -5.70
N LEU B 24 -0.90 -5.92 -5.82
CA LEU B 24 -1.54 -5.28 -6.97
C LEU B 24 -0.85 -5.68 -8.28
N ALA B 25 0.48 -5.59 -8.28
CA ALA B 25 1.28 -5.95 -9.46
C ALA B 25 1.11 -7.43 -9.81
N HIS B 26 0.94 -8.27 -8.79
CA HIS B 26 0.78 -9.70 -8.98
C HIS B 26 -0.54 -9.99 -9.71
N VAL B 27 -1.62 -9.36 -9.25
CA VAL B 27 -2.93 -9.57 -9.88
C VAL B 27 -2.89 -9.06 -11.33
N LEU B 28 -2.26 -7.89 -11.53
CA LEU B 28 -2.15 -7.31 -12.87
C LEU B 28 -1.38 -8.26 -13.79
N TRP B 29 -0.32 -8.86 -13.26
CA TRP B 29 0.51 -9.80 -14.03
C TRP B 29 -0.31 -10.99 -14.48
N LYS B 30 -1.13 -11.51 -13.56
CA LYS B 30 -1.99 -12.65 -13.86
C LYS B 30 -3.11 -12.32 -14.85
N LYS B 31 -3.23 -11.04 -15.20
CA LYS B 31 -4.25 -10.59 -16.15
C LYS B 31 -4.03 -11.21 -17.53
N GLU A 1 -5.36 27.01 3.95
CA GLU A 1 -6.16 27.34 5.16
C GLU A 1 -6.25 26.10 6.06
N GLU A 2 -6.82 25.01 5.52
CA GLU A 2 -6.96 23.77 6.27
C GLU A 2 -6.45 22.56 5.46
N ASN A 3 -5.38 22.79 4.67
CA ASN A 3 -4.79 21.74 3.85
C ASN A 3 -3.26 21.65 4.11
N PRO A 4 -2.84 21.02 5.21
CA PRO A 4 -1.38 20.89 5.54
C PRO A 4 -0.61 20.13 4.45
N SER A 5 0.62 20.58 4.18
CA SER A 5 1.47 19.94 3.17
C SER A 5 1.87 18.53 3.63
N LEU A 6 2.13 18.38 4.93
CA LEU A 6 2.52 17.09 5.49
C LEU A 6 1.40 16.06 5.37
N PHE A 7 0.13 16.50 5.30
CA PHE A 7 -0.98 15.56 5.22
C PHE A 7 -1.01 14.87 3.84
N ALA A 8 -0.09 15.26 2.94
CA ALA A 8 0.05 14.59 1.64
C ALA A 8 1.10 13.47 1.80
N LEU A 9 1.19 12.93 3.03
CA LEU A 9 2.13 11.88 3.40
C LEU A 9 2.24 10.80 2.31
N GLU A 10 3.46 10.41 2.01
CA GLU A 10 3.70 9.37 1.00
C GLU A 10 3.20 8.01 1.52
N ALA A 11 3.36 7.78 2.83
CA ALA A 11 2.94 6.54 3.47
C ALA A 11 1.43 6.43 3.62
N VAL A 12 0.69 7.53 3.51
CA VAL A 12 -0.77 7.49 3.70
C VAL A 12 -1.52 7.15 2.39
N LEU A 13 -0.95 7.57 1.25
CA LEU A 13 -1.56 7.34 -0.06
C LEU A 13 -1.36 5.91 -0.58
N ILE A 14 -0.13 5.39 -0.41
CA ILE A 14 0.21 4.03 -0.90
C ILE A 14 -0.69 2.93 -0.28
N PRO A 15 -0.79 2.82 1.06
CA PRO A 15 -1.57 1.72 1.71
C PRO A 15 -3.06 1.78 1.40
N VAL A 16 -3.66 2.98 1.49
CA VAL A 16 -5.08 3.13 1.21
C VAL A 16 -5.38 2.83 -0.26
N GLY A 17 -4.53 3.36 -1.15
CA GLY A 17 -4.69 3.15 -2.58
C GLY A 17 -4.54 1.67 -2.96
N THR A 18 -3.46 1.05 -2.48
CA THR A 18 -3.20 -0.36 -2.78
C THR A 18 -4.21 -1.28 -2.12
N VAL A 19 -4.62 -0.98 -0.89
CA VAL A 19 -5.60 -1.83 -0.19
C VAL A 19 -6.93 -1.81 -0.95
N GLY A 20 -7.38 -0.63 -1.38
CA GLY A 20 -8.64 -0.51 -2.11
C GLY A 20 -8.58 -1.25 -3.45
N LEU A 21 -7.49 -1.04 -4.20
CA LEU A 21 -7.33 -1.69 -5.50
C LEU A 21 -7.15 -3.20 -5.37
N ILE A 22 -6.45 -3.65 -4.32
CA ILE A 22 -6.21 -5.07 -4.10
C ILE A 22 -7.52 -5.78 -3.72
N ILE A 23 -8.31 -5.16 -2.84
CA ILE A 23 -9.58 -5.76 -2.41
C ILE A 23 -10.52 -5.82 -3.62
N THR A 24 -10.56 -4.75 -4.41
CA THR A 24 -11.43 -4.71 -5.59
C THR A 24 -10.99 -5.77 -6.61
N LEU A 25 -9.68 -5.91 -6.80
CA LEU A 25 -9.12 -6.87 -7.76
C LEU A 25 -9.42 -8.32 -7.34
N ILE A 26 -9.13 -8.66 -6.09
CA ILE A 26 -9.39 -10.02 -5.60
C ILE A 26 -10.90 -10.32 -5.62
N PHE A 27 -11.73 -9.31 -5.34
CA PHE A 27 -13.18 -9.49 -5.34
C PHE A 27 -13.71 -9.76 -6.75
N VAL A 28 -13.23 -9.00 -7.74
CA VAL A 28 -13.71 -9.19 -9.12
C VAL A 28 -13.24 -10.53 -9.67
N TYR A 29 -12.02 -10.96 -9.29
CA TYR A 29 -11.49 -12.24 -9.74
C TYR A 29 -12.30 -13.40 -9.14
N PHE A 30 -12.57 -13.31 -7.83
CA PHE A 30 -13.33 -14.35 -7.14
C PHE A 30 -14.77 -14.44 -7.65
N TRP A 31 -15.40 -13.29 -7.87
CA TRP A 31 -16.78 -13.24 -8.34
C TRP A 31 -16.89 -13.72 -9.79
N LEU A 32 -15.96 -13.29 -10.64
CA LEU A 32 -15.96 -13.66 -12.05
C LEU A 32 -15.75 -15.18 -12.20
N GLU A 33 -14.72 -15.71 -11.54
CA GLU A 33 -14.42 -17.14 -11.59
C GLU A 33 -15.16 -17.89 -10.49
N ARG A 34 -15.16 -19.23 -10.57
CA ARG A 34 -15.83 -20.06 -9.57
C ARG A 34 -15.19 -21.45 -9.51
N GLY B 1 19.51 -4.59 12.67
CA GLY B 1 20.81 -3.91 12.46
C GLY B 1 20.87 -3.30 11.06
N GLY B 2 21.46 -2.11 10.94
CA GLY B 2 21.57 -1.43 9.66
C GLY B 2 22.63 -0.32 9.71
N TRP B 3 22.88 0.31 8.57
CA TRP B 3 23.87 1.38 8.48
C TRP B 3 23.35 2.65 9.15
N ASP B 4 22.12 3.04 8.81
CA ASP B 4 21.51 4.24 9.37
C ASP B 4 20.70 3.88 10.65
N PRO B 5 20.60 4.79 11.63
CA PRO B 5 19.84 4.51 12.89
C PRO B 5 18.47 3.88 12.61
N VAL B 6 17.99 3.08 13.56
CA VAL B 6 16.69 2.42 13.41
C VAL B 6 15.57 3.27 14.00
N LEU B 7 14.49 3.46 13.23
CA LEU B 7 13.34 4.26 13.67
C LEU B 7 12.03 3.47 13.46
N PRO B 8 11.59 2.67 14.44
CA PRO B 8 10.33 1.88 14.30
C PRO B 8 9.08 2.76 14.22
N SER B 9 8.68 3.10 12.99
CA SER B 9 7.51 3.96 12.76
C SER B 9 7.24 4.08 11.25
N VAL B 10 8.07 4.87 10.56
CA VAL B 10 7.92 5.08 9.10
C VAL B 10 8.25 3.78 8.35
N THR B 11 9.26 3.04 8.82
CA THR B 11 9.68 1.80 8.19
C THR B 11 8.56 0.76 8.15
N ILE B 12 7.76 0.68 9.22
CA ILE B 12 6.65 -0.27 9.29
C ILE B 12 5.64 0.01 8.17
N LEU B 13 5.23 1.27 8.07
CA LEU B 13 4.27 1.69 7.04
C LEU B 13 4.84 1.44 5.64
N SER B 14 6.14 1.70 5.48
CA SER B 14 6.81 1.49 4.20
C SER B 14 6.78 0.02 3.81
N LEU B 15 7.00 -0.86 4.79
CA LEU B 15 7.01 -2.31 4.56
C LEU B 15 5.62 -2.77 4.10
N PHE B 16 4.58 -2.28 4.79
CA PHE B 16 3.20 -2.65 4.44
C PHE B 16 2.86 -2.16 3.02
N SER B 17 3.34 -0.94 2.70
CA SER B 17 3.10 -0.35 1.38
C SER B 17 3.73 -1.19 0.28
N VAL B 18 4.97 -1.61 0.49
CA VAL B 18 5.69 -2.42 -0.49
C VAL B 18 4.99 -3.78 -0.66
N PHE B 19 4.59 -4.39 0.45
CA PHE B 19 3.92 -5.70 0.41
C PHE B 19 2.63 -5.62 -0.41
N LEU B 20 1.82 -4.61 -0.12
CA LEU B 20 0.57 -4.42 -0.85
C LEU B 20 0.87 -4.08 -2.31
N LEU B 21 1.97 -3.36 -2.53
CA LEU B 21 2.40 -3.00 -3.88
C LEU B 21 2.67 -4.27 -4.69
N VAL B 22 3.27 -5.27 -4.02
CA VAL B 22 3.59 -6.54 -4.67
C VAL B 22 2.29 -7.25 -5.08
N ILE B 23 1.26 -7.23 -4.21
CA ILE B 23 -0.02 -7.87 -4.56
C ILE B 23 -0.61 -7.18 -5.80
N LEU B 24 -0.60 -5.85 -5.80
CA LEU B 24 -1.15 -5.07 -6.91
C LEU B 24 -0.42 -5.36 -8.22
N ALA B 25 0.91 -5.35 -8.19
CA ALA B 25 1.71 -5.62 -9.38
C ALA B 25 1.55 -7.06 -9.86
N HIS B 26 1.36 -7.98 -8.92
CA HIS B 26 1.20 -9.40 -9.24
C HIS B 26 -0.12 -9.63 -9.98
N VAL B 27 -1.19 -8.96 -9.52
CA VAL B 27 -2.50 -9.12 -10.16
C VAL B 27 -2.52 -8.43 -11.53
N LEU B 28 -1.96 -7.21 -11.60
CA LEU B 28 -1.94 -6.46 -12.86
C LEU B 28 -0.98 -7.10 -13.89
N TRP B 29 0.04 -7.82 -13.41
CA TRP B 29 1.02 -8.46 -14.30
C TRP B 29 0.56 -9.82 -14.78
N LYS B 30 0.02 -10.62 -13.87
CA LYS B 30 -0.45 -11.97 -14.18
C LYS B 30 -1.92 -12.02 -14.62
N LYS B 31 -2.63 -10.90 -14.50
CA LYS B 31 -4.04 -10.83 -14.88
C LYS B 31 -4.38 -9.44 -15.44
N GLU A 1 -5.06 28.20 7.85
CA GLU A 1 -4.18 27.97 6.66
C GLU A 1 -3.72 26.50 6.65
N GLU A 2 -4.35 25.69 5.80
CA GLU A 2 -4.00 24.28 5.68
C GLU A 2 -2.64 24.11 4.99
N ASN A 3 -1.98 22.98 5.24
CA ASN A 3 -0.68 22.68 4.65
C ASN A 3 -0.83 21.74 3.43
N PRO A 4 -0.75 22.24 2.20
CA PRO A 4 -0.89 21.37 0.98
C PRO A 4 -0.01 20.11 1.05
N SER A 5 1.24 20.29 1.48
CA SER A 5 2.17 19.17 1.60
C SER A 5 1.65 18.14 2.60
N LEU A 6 1.10 18.62 3.71
CA LEU A 6 0.56 17.74 4.75
C LEU A 6 -0.70 17.00 4.26
N PHE A 7 -1.42 17.59 3.29
CA PHE A 7 -2.63 16.94 2.78
C PHE A 7 -2.25 15.71 1.97
N ALA A 8 -1.07 15.75 1.30
CA ALA A 8 -0.59 14.60 0.52
C ALA A 8 -0.81 13.30 1.30
N LEU A 9 -0.63 13.39 2.62
CA LEU A 9 -0.87 12.26 3.53
C LEU A 9 -0.10 11.00 3.13
N GLU A 10 0.78 10.55 4.00
CA GLU A 10 1.53 9.31 3.74
C GLU A 10 0.57 8.12 3.77
N ALA A 11 -0.42 8.19 4.68
CA ALA A 11 -1.40 7.11 4.84
C ALA A 11 -2.33 6.97 3.62
N VAL A 12 -2.60 8.08 2.93
CA VAL A 12 -3.46 8.05 1.74
C VAL A 12 -2.66 7.74 0.46
N LEU A 13 -1.41 8.21 0.45
CA LEU A 13 -0.51 8.07 -0.70
C LEU A 13 -0.32 6.61 -1.14
N ILE A 14 -0.20 5.66 -0.19
CA ILE A 14 0.04 4.25 -0.57
C ILE A 14 -0.95 3.25 0.08
N PRO A 15 -1.14 3.23 1.42
CA PRO A 15 -2.06 2.23 2.05
C PRO A 15 -3.53 2.33 1.61
N VAL A 16 -4.08 3.55 1.56
CA VAL A 16 -5.48 3.73 1.15
C VAL A 16 -5.64 3.34 -0.32
N GLY A 17 -4.69 3.80 -1.15
CA GLY A 17 -4.74 3.52 -2.58
C GLY A 17 -4.62 2.02 -2.87
N THR A 18 -3.61 1.38 -2.28
CA THR A 18 -3.40 -0.05 -2.47
C THR A 18 -4.50 -0.90 -1.84
N VAL A 19 -4.92 -0.56 -0.62
CA VAL A 19 -5.95 -1.34 0.06
C VAL A 19 -7.25 -1.33 -0.76
N GLY A 20 -7.66 -0.16 -1.24
CA GLY A 20 -8.90 -0.04 -2.03
C GLY A 20 -8.76 -0.82 -3.35
N LEU A 21 -7.64 -0.62 -4.04
CA LEU A 21 -7.40 -1.29 -5.33
C LEU A 21 -7.28 -2.81 -5.14
N ILE A 22 -6.67 -3.23 -4.03
CA ILE A 22 -6.49 -4.66 -3.74
C ILE A 22 -7.83 -5.33 -3.45
N ILE A 23 -8.71 -4.68 -2.65
CA ILE A 23 -10.01 -5.28 -2.37
C ILE A 23 -10.83 -5.40 -3.65
N THR A 24 -10.72 -4.39 -4.53
CA THR A 24 -11.44 -4.40 -5.80
C THR A 24 -10.89 -5.50 -6.71
N LEU A 25 -9.56 -5.66 -6.71
CA LEU A 25 -8.91 -6.66 -7.56
C LEU A 25 -9.27 -8.08 -7.10
N ILE A 26 -9.22 -8.31 -5.79
CA ILE A 26 -9.57 -9.62 -5.23
C ILE A 26 -11.05 -9.93 -5.53
N PHE A 27 -11.92 -8.91 -5.41
CA PHE A 27 -13.35 -9.11 -5.67
C PHE A 27 -13.61 -9.47 -7.14
N VAL A 28 -13.01 -8.72 -8.07
CA VAL A 28 -13.19 -8.98 -9.51
C VAL A 28 -12.60 -10.36 -9.86
N TYR A 29 -11.49 -10.72 -9.22
CA TYR A 29 -10.83 -12.00 -9.47
C TYR A 29 -11.72 -13.16 -9.02
N PHE A 30 -12.36 -13.00 -7.87
CA PHE A 30 -13.25 -14.03 -7.32
C PHE A 30 -14.50 -14.17 -8.20
N TRP A 31 -15.02 -13.03 -8.67
CA TRP A 31 -16.22 -13.03 -9.51
C TRP A 31 -15.96 -13.77 -10.82
N LEU A 32 -14.84 -13.44 -11.48
CA LEU A 32 -14.48 -14.08 -12.75
C LEU A 32 -14.12 -15.55 -12.53
N GLU A 33 -13.51 -15.87 -11.39
CA GLU A 33 -13.11 -17.24 -11.08
C GLU A 33 -14.31 -18.19 -11.19
N ARG A 34 -15.49 -17.72 -10.76
CA ARG A 34 -16.70 -18.53 -10.82
C ARG A 34 -17.89 -17.68 -11.25
N GLY B 1 31.07 4.94 23.98
CA GLY B 1 30.87 4.00 22.83
C GLY B 1 29.74 3.03 23.16
N GLY B 2 29.29 2.28 22.15
CA GLY B 2 28.20 1.32 22.32
C GLY B 2 27.46 1.09 21.01
N TRP B 3 26.16 1.41 21.01
CA TRP B 3 25.32 1.26 19.82
C TRP B 3 24.57 2.55 19.51
N ASP B 4 24.61 2.97 18.23
CA ASP B 4 23.93 4.19 17.82
C ASP B 4 22.56 3.87 17.18
N PRO B 5 21.44 4.42 17.68
CA PRO B 5 20.09 4.14 17.10
C PRO B 5 19.87 4.88 15.77
N VAL B 6 19.03 4.33 14.90
CA VAL B 6 18.74 4.93 13.61
C VAL B 6 17.34 4.54 13.11
N LEU B 7 16.53 5.54 12.74
CA LEU B 7 15.17 5.33 12.25
C LEU B 7 14.27 4.65 13.33
N PRO B 8 13.04 5.14 13.57
CA PRO B 8 12.15 4.53 14.59
C PRO B 8 11.33 3.35 14.04
N SER B 9 10.32 3.62 13.20
CA SER B 9 9.47 2.56 12.63
C SER B 9 8.96 2.92 11.22
N VAL B 10 9.60 3.91 10.58
CA VAL B 10 9.21 4.34 9.23
C VAL B 10 9.53 3.25 8.20
N THR B 11 10.66 2.57 8.39
CA THR B 11 11.10 1.51 7.48
C THR B 11 10.08 0.37 7.38
N ILE B 12 9.59 -0.11 8.53
CA ILE B 12 8.61 -1.20 8.53
C ILE B 12 7.33 -0.77 7.80
N LEU B 13 6.98 0.52 7.94
CA LEU B 13 5.81 1.07 7.26
C LEU B 13 6.03 0.99 5.75
N SER B 14 7.24 1.35 5.32
CA SER B 14 7.61 1.31 3.91
C SER B 14 7.51 -0.13 3.39
N LEU B 15 7.97 -1.08 4.21
CA LEU B 15 7.93 -2.49 3.85
C LEU B 15 6.48 -2.92 3.61
N PHE B 16 5.57 -2.48 4.48
CA PHE B 16 4.16 -2.80 4.34
C PHE B 16 3.63 -2.28 3.00
N SER B 17 4.00 -1.04 2.65
CA SER B 17 3.57 -0.43 1.40
C SER B 17 4.04 -1.26 0.21
N VAL B 18 5.32 -1.66 0.24
CA VAL B 18 5.90 -2.48 -0.82
C VAL B 18 5.14 -3.82 -0.93
N PHE B 19 4.78 -4.41 0.21
CA PHE B 19 4.05 -5.68 0.22
C PHE B 19 2.73 -5.54 -0.54
N LEU B 20 2.00 -4.47 -0.23
CA LEU B 20 0.73 -4.19 -0.90
C LEU B 20 0.99 -3.96 -2.39
N LEU B 21 2.11 -3.31 -2.72
CA LEU B 21 2.49 -3.06 -4.11
C LEU B 21 2.67 -4.39 -4.83
N VAL B 22 3.23 -5.38 -4.12
CA VAL B 22 3.46 -6.71 -4.68
C VAL B 22 2.11 -7.37 -4.99
N ILE B 23 1.10 -7.16 -4.12
CA ILE B 23 -0.23 -7.75 -4.37
C ILE B 23 -0.78 -7.19 -5.67
N LEU B 24 -0.69 -5.87 -5.85
CA LEU B 24 -1.20 -5.22 -7.07
C LEU B 24 -0.47 -5.75 -8.31
N ALA B 25 0.87 -5.79 -8.22
CA ALA B 25 1.70 -6.26 -9.33
C ALA B 25 1.42 -7.73 -9.65
N HIS B 26 1.10 -8.51 -8.63
CA HIS B 26 0.83 -9.93 -8.80
C HIS B 26 -0.48 -10.14 -9.58
N VAL B 27 -1.53 -9.40 -9.20
CA VAL B 27 -2.82 -9.53 -9.88
C VAL B 27 -2.70 -9.05 -11.33
N LEU B 28 -2.02 -7.91 -11.55
CA LEU B 28 -1.86 -7.37 -12.89
C LEU B 28 -1.01 -8.30 -13.75
N TRP B 29 0.02 -8.91 -13.14
CA TRP B 29 0.90 -9.85 -13.84
C TRP B 29 0.12 -11.09 -14.29
N LYS B 30 -0.73 -11.57 -13.39
CA LYS B 30 -1.56 -12.75 -13.66
C LYS B 30 -2.83 -12.42 -14.43
N LYS B 31 -3.10 -11.12 -14.64
CA LYS B 31 -4.29 -10.67 -15.36
C LYS B 31 -5.57 -11.29 -14.76
N GLU A 1 -9.52 26.42 1.09
CA GLU A 1 -8.21 27.11 1.25
C GLU A 1 -7.12 26.32 0.51
N GLU A 2 -7.43 25.89 -0.72
CA GLU A 2 -6.49 25.11 -1.54
C GLU A 2 -6.08 23.84 -0.81
N ASN A 3 -5.30 22.99 -1.48
CA ASN A 3 -4.85 21.73 -0.89
C ASN A 3 -3.37 21.83 -0.41
N PRO A 4 -3.05 21.46 0.83
CA PRO A 4 -1.65 21.55 1.33
C PRO A 4 -0.82 20.31 0.96
N SER A 5 0.50 20.49 0.87
CA SER A 5 1.40 19.39 0.50
C SER A 5 1.42 18.30 1.58
N LEU A 6 1.39 18.71 2.85
CA LEU A 6 1.43 17.74 3.97
C LEU A 6 0.23 16.79 3.92
N PHE A 7 -0.89 17.21 3.32
CA PHE A 7 -2.06 16.34 3.27
C PHE A 7 -1.82 15.16 2.30
N ALA A 8 -0.66 15.15 1.63
CA ALA A 8 -0.29 14.02 0.76
C ALA A 8 0.58 13.06 1.60
N LEU A 9 0.16 12.87 2.86
CA LEU A 9 0.87 12.02 3.82
C LEU A 9 1.24 10.68 3.19
N GLU A 10 2.19 9.99 3.82
CA GLU A 10 2.64 8.69 3.33
C GLU A 10 1.56 7.61 3.47
N ALA A 11 0.77 7.69 4.55
CA ALA A 11 -0.29 6.70 4.79
C ALA A 11 -1.40 6.79 3.73
N VAL A 12 -1.64 8.00 3.23
CA VAL A 12 -2.66 8.24 2.21
C VAL A 12 -2.08 8.05 0.79
N LEU A 13 -0.76 8.21 0.65
CA LEU A 13 -0.07 8.13 -0.63
C LEU A 13 -0.04 6.71 -1.22
N ILE A 14 0.18 5.68 -0.38
CA ILE A 14 0.29 4.30 -0.92
C ILE A 14 -0.60 3.24 -0.19
N PRO A 15 -0.59 3.12 1.13
CA PRO A 15 -1.39 2.06 1.83
C PRO A 15 -2.89 2.11 1.52
N VAL A 16 -3.50 3.30 1.54
CA VAL A 16 -4.93 3.42 1.25
C VAL A 16 -5.22 3.05 -0.21
N GLY A 17 -4.36 3.56 -1.10
CA GLY A 17 -4.51 3.32 -2.53
C GLY A 17 -4.38 1.84 -2.88
N THR A 18 -3.31 1.21 -2.40
CA THR A 18 -3.05 -0.20 -2.68
C THR A 18 -4.08 -1.12 -2.01
N VAL A 19 -4.49 -0.80 -0.77
CA VAL A 19 -5.47 -1.64 -0.07
C VAL A 19 -6.79 -1.63 -0.84
N GLY A 20 -7.28 -0.45 -1.21
CA GLY A 20 -8.54 -0.35 -1.96
C GLY A 20 -8.43 -1.09 -3.30
N LEU A 21 -7.31 -0.89 -3.99
CA LEU A 21 -7.07 -1.53 -5.29
C LEU A 21 -7.00 -3.05 -5.17
N ILE A 22 -6.35 -3.52 -4.10
CA ILE A 22 -6.19 -4.96 -3.86
C ILE A 22 -7.55 -5.61 -3.53
N ILE A 23 -8.37 -4.93 -2.73
CA ILE A 23 -9.70 -5.48 -2.39
C ILE A 23 -10.55 -5.57 -3.65
N THR A 24 -10.49 -4.53 -4.48
CA THR A 24 -11.28 -4.52 -5.73
C THR A 24 -10.80 -5.62 -6.67
N LEU A 25 -9.48 -5.77 -6.79
CA LEU A 25 -8.89 -6.78 -7.67
C LEU A 25 -9.24 -8.21 -7.21
N ILE A 26 -9.06 -8.49 -5.92
CA ILE A 26 -9.39 -9.83 -5.41
C ILE A 26 -10.89 -10.12 -5.57
N PHE A 27 -11.73 -9.07 -5.42
CA PHE A 27 -13.18 -9.23 -5.56
C PHE A 27 -13.57 -9.60 -7.01
N VAL A 28 -13.03 -8.86 -7.98
CA VAL A 28 -13.32 -9.13 -9.40
C VAL A 28 -12.76 -10.48 -9.81
N TYR A 29 -11.60 -10.85 -9.27
CA TYR A 29 -10.96 -12.12 -9.58
C TYR A 29 -11.80 -13.28 -9.04
N PHE A 30 -12.34 -13.10 -7.83
CA PHE A 30 -13.16 -14.12 -7.19
C PHE A 30 -14.46 -14.33 -7.97
N TRP A 31 -15.11 -13.22 -8.34
CA TRP A 31 -16.37 -13.28 -9.09
C TRP A 31 -16.16 -13.97 -10.45
N LEU A 32 -15.12 -13.55 -11.18
CA LEU A 32 -14.82 -14.14 -12.49
C LEU A 32 -14.54 -15.63 -12.36
N GLU A 33 -13.60 -15.97 -11.48
CA GLU A 33 -13.21 -17.36 -11.21
C GLU A 33 -12.95 -18.15 -12.52
N ARG A 34 -13.99 -18.78 -13.09
CA ARG A 34 -13.85 -19.56 -14.33
C ARG A 34 -13.10 -18.76 -15.40
N GLY B 1 21.42 8.13 25.74
CA GLY B 1 22.84 8.55 25.63
C GLY B 1 23.67 7.40 25.06
N GLY B 2 23.49 7.11 23.77
CA GLY B 2 24.23 6.04 23.10
C GLY B 2 23.31 4.86 22.79
N TRP B 3 23.72 4.03 21.82
CA TRP B 3 22.95 2.86 21.42
C TRP B 3 21.50 3.25 21.08
N ASP B 4 21.27 3.57 19.81
CA ASP B 4 19.93 3.96 19.33
C ASP B 4 19.00 2.74 19.28
N PRO B 5 17.70 2.87 19.60
CA PRO B 5 16.76 1.72 19.56
C PRO B 5 16.19 1.46 18.16
N VAL B 6 15.60 2.50 17.54
CA VAL B 6 15.03 2.36 16.20
C VAL B 6 13.97 1.25 16.20
N LEU B 7 12.70 1.65 16.34
CA LEU B 7 11.60 0.68 16.37
C LEU B 7 10.81 0.69 15.05
N PRO B 8 10.07 -0.38 14.72
CA PRO B 8 9.28 -0.45 13.46
C PRO B 8 8.20 0.64 13.38
N SER B 9 8.46 1.68 12.58
CA SER B 9 7.50 2.77 12.40
C SER B 9 7.56 3.28 10.95
N VAL B 10 8.61 4.04 10.59
CA VAL B 10 8.75 4.53 9.21
C VAL B 10 9.05 3.33 8.29
N THR B 11 9.96 2.47 8.76
CA THR B 11 10.37 1.28 8.02
C THR B 11 9.21 0.29 7.83
N ILE B 12 8.48 0.00 8.91
CA ILE B 12 7.37 -0.95 8.83
C ILE B 12 6.25 -0.43 7.92
N LEU B 13 5.97 0.88 7.97
CA LEU B 13 4.93 1.46 7.11
C LEU B 13 5.36 1.33 5.65
N SER B 14 6.63 1.61 5.36
CA SER B 14 7.15 1.50 4.00
C SER B 14 7.06 0.04 3.53
N LEU B 15 7.35 -0.89 4.43
CA LEU B 15 7.29 -2.32 4.11
C LEU B 15 5.86 -2.70 3.73
N PHE B 16 4.88 -2.15 4.45
CA PHE B 16 3.48 -2.45 4.17
C PHE B 16 3.10 -1.92 2.78
N SER B 17 3.62 -0.72 2.44
CA SER B 17 3.33 -0.12 1.14
C SER B 17 3.88 -0.97 0.00
N VAL B 18 5.14 -1.39 0.13
CA VAL B 18 5.78 -2.23 -0.89
C VAL B 18 5.04 -3.57 -1.01
N PHE B 19 4.70 -4.17 0.14
CA PHE B 19 4.01 -5.45 0.17
C PHE B 19 2.67 -5.39 -0.55
N LEU B 20 1.87 -4.36 -0.22
CA LEU B 20 0.56 -4.20 -0.85
C LEU B 20 0.74 -3.92 -2.35
N LEU B 21 1.77 -3.14 -2.70
CA LEU B 21 2.07 -2.84 -4.09
C LEU B 21 2.40 -4.14 -4.85
N VAL B 22 3.05 -5.08 -4.17
CA VAL B 22 3.40 -6.36 -4.76
C VAL B 22 2.11 -7.14 -5.07
N ILE B 23 1.11 -7.06 -4.18
CA ILE B 23 -0.16 -7.76 -4.42
C ILE B 23 -0.82 -7.20 -5.69
N LEU B 24 -0.88 -5.87 -5.80
CA LEU B 24 -1.49 -5.23 -6.97
C LEU B 24 -0.75 -5.62 -8.26
N ALA B 25 0.58 -5.53 -8.23
CA ALA B 25 1.40 -5.87 -9.39
C ALA B 25 1.23 -7.35 -9.75
N HIS B 26 1.05 -8.20 -8.74
CA HIS B 26 0.89 -9.64 -8.95
C HIS B 26 -0.41 -9.95 -9.70
N VAL B 27 -1.51 -9.37 -9.23
CA VAL B 27 -2.81 -9.60 -9.88
C VAL B 27 -2.79 -8.98 -11.30
N LEU B 28 -2.15 -7.81 -11.42
CA LEU B 28 -2.06 -7.11 -12.70
C LEU B 28 -1.30 -7.98 -13.72
N TRP B 29 -0.21 -8.61 -13.26
CA TRP B 29 0.61 -9.46 -14.12
C TRP B 29 -0.15 -10.71 -14.53
N LYS B 30 -0.85 -11.29 -13.57
CA LYS B 30 -1.64 -12.51 -13.81
C LYS B 30 -2.86 -12.26 -14.71
N LYS B 31 -3.11 -10.99 -15.05
CA LYS B 31 -4.24 -10.63 -15.91
C LYS B 31 -3.77 -10.41 -17.34
N GLU A 1 0.25 26.40 12.33
CA GLU A 1 -0.92 26.95 11.58
C GLU A 1 -0.97 26.33 10.19
N GLU A 2 0.12 26.47 9.44
CA GLU A 2 0.19 25.91 8.08
C GLU A 2 1.08 24.67 8.04
N ASN A 3 0.45 23.49 7.98
CA ASN A 3 1.19 22.22 7.95
C ASN A 3 0.67 21.34 6.78
N PRO A 4 1.08 21.61 5.54
CA PRO A 4 0.63 20.81 4.36
C PRO A 4 1.40 19.50 4.20
N SER A 5 2.66 19.49 4.68
CA SER A 5 3.51 18.30 4.60
C SER A 5 2.88 17.12 5.35
N LEU A 6 2.28 17.41 6.51
CA LEU A 6 1.65 16.38 7.33
C LEU A 6 0.36 15.86 6.69
N PHE A 7 -0.31 16.69 5.86
CA PHE A 7 -1.56 16.27 5.22
C PHE A 7 -1.26 15.22 4.16
N ALA A 8 -0.10 15.32 3.49
CA ALA A 8 0.29 14.34 2.45
C ALA A 8 -0.05 12.93 2.93
N LEU A 9 0.15 12.69 4.23
CA LEU A 9 -0.19 11.42 4.87
C LEU A 9 0.45 10.23 4.16
N GLU A 10 1.31 9.51 4.87
CA GLU A 10 1.95 8.33 4.28
C GLU A 10 0.90 7.23 4.08
N ALA A 11 -0.07 7.15 5.00
CA ALA A 11 -1.13 6.15 4.94
C ALA A 11 -2.05 6.36 3.73
N VAL A 12 -2.25 7.61 3.32
CA VAL A 12 -3.11 7.92 2.17
C VAL A 12 -2.31 7.88 0.85
N LEU A 13 -1.01 8.13 0.94
CA LEU A 13 -0.13 8.16 -0.23
C LEU A 13 0.02 6.80 -0.90
N ILE A 14 0.15 5.71 -0.10
CA ILE A 14 0.36 4.37 -0.70
C ILE A 14 -0.56 3.27 -0.12
N PRO A 15 -0.64 3.06 1.20
CA PRO A 15 -1.48 1.95 1.79
C PRO A 15 -2.97 2.04 1.42
N VAL A 16 -3.56 3.23 1.53
CA VAL A 16 -4.98 3.39 1.19
C VAL A 16 -5.19 3.11 -0.30
N GLY A 17 -4.30 3.64 -1.14
CA GLY A 17 -4.41 3.45 -2.59
C GLY A 17 -4.27 1.96 -2.96
N THR A 18 -3.22 1.32 -2.45
CA THR A 18 -2.95 -0.08 -2.73
C THR A 18 -4.04 -0.98 -2.15
N VAL A 19 -4.51 -0.66 -0.94
CA VAL A 19 -5.56 -1.48 -0.31
C VAL A 19 -6.85 -1.42 -1.14
N GLY A 20 -7.21 -0.23 -1.63
CA GLY A 20 -8.42 -0.09 -2.43
C GLY A 20 -8.33 -0.86 -3.75
N LEU A 21 -7.20 -0.71 -4.46
CA LEU A 21 -7.00 -1.39 -5.74
C LEU A 21 -6.89 -2.90 -5.55
N ILE A 22 -6.20 -3.33 -4.49
CA ILE A 22 -6.00 -4.75 -4.21
C ILE A 22 -7.32 -5.41 -3.81
N ILE A 23 -8.12 -4.74 -2.98
CA ILE A 23 -9.40 -5.29 -2.54
C ILE A 23 -10.35 -5.40 -3.73
N THR A 24 -10.36 -4.37 -4.58
CA THR A 24 -11.23 -4.37 -5.77
C THR A 24 -10.78 -5.47 -6.75
N LEU A 25 -9.48 -5.61 -6.92
CA LEU A 25 -8.92 -6.61 -7.82
C LEU A 25 -9.21 -8.03 -7.35
N ILE A 26 -8.94 -8.32 -6.06
CA ILE A 26 -9.19 -9.66 -5.52
C ILE A 26 -10.70 -10.00 -5.57
N PHE A 27 -11.55 -9.02 -5.27
CA PHE A 27 -13.01 -9.23 -5.30
C PHE A 27 -13.48 -9.49 -6.75
N VAL A 28 -12.88 -8.76 -7.69
CA VAL A 28 -13.21 -8.89 -9.10
C VAL A 28 -12.80 -10.29 -9.62
N TYR A 29 -11.60 -10.73 -9.24
CA TYR A 29 -11.10 -12.03 -9.66
C TYR A 29 -11.96 -13.15 -9.08
N PHE A 30 -12.32 -13.01 -7.80
CA PHE A 30 -13.14 -14.00 -7.11
C PHE A 30 -14.54 -14.09 -7.75
N TRP A 31 -15.10 -12.92 -8.09
CA TRP A 31 -16.43 -12.85 -8.70
C TRP A 31 -16.43 -13.54 -10.06
N LEU A 32 -15.41 -13.24 -10.87
CA LEU A 32 -15.29 -13.82 -12.21
C LEU A 32 -15.19 -15.34 -12.12
N GLU A 33 -14.22 -15.82 -11.31
CA GLU A 33 -14.01 -17.26 -11.12
C GLU A 33 -12.88 -17.48 -10.10
N ARG A 34 -12.98 -18.57 -9.33
CA ARG A 34 -11.96 -18.89 -8.33
C ARG A 34 -10.58 -18.98 -8.97
N GLY B 1 26.72 9.20 14.67
CA GLY B 1 26.84 8.83 13.22
C GLY B 1 25.79 9.61 12.42
N GLY B 2 24.55 9.63 12.92
CA GLY B 2 23.46 10.33 12.25
C GLY B 2 23.30 9.85 10.81
N TRP B 3 22.91 10.76 9.91
CA TRP B 3 22.72 10.45 8.48
C TRP B 3 21.51 9.52 8.29
N ASP B 4 21.65 8.24 8.68
CA ASP B 4 20.57 7.27 8.55
C ASP B 4 19.57 7.40 9.72
N PRO B 5 18.27 7.58 9.48
CA PRO B 5 17.26 7.71 10.57
C PRO B 5 16.78 6.35 11.08
N VAL B 6 16.50 6.27 12.38
CA VAL B 6 16.03 5.04 13.00
C VAL B 6 14.67 5.26 13.67
N LEU B 7 13.66 4.46 13.28
CA LEU B 7 12.32 4.58 13.85
C LEU B 7 11.42 3.44 13.33
N PRO B 8 10.78 2.64 14.19
CA PRO B 8 9.90 1.52 13.73
C PRO B 8 8.51 2.02 13.27
N SER B 9 8.51 3.07 12.44
CA SER B 9 7.26 3.63 11.92
C SER B 9 7.36 3.87 10.41
N VAL B 10 8.36 4.64 10.00
CA VAL B 10 8.57 4.95 8.57
C VAL B 10 8.99 3.69 7.80
N THR B 11 9.92 2.93 8.37
CA THR B 11 10.41 1.71 7.73
C THR B 11 9.34 0.61 7.68
N ILE B 12 8.64 0.40 8.80
CA ILE B 12 7.60 -0.63 8.86
C ILE B 12 6.45 -0.29 7.90
N LEU B 13 6.01 0.97 7.90
CA LEU B 13 4.93 1.41 7.03
C LEU B 13 5.36 1.30 5.57
N SER B 14 6.63 1.65 5.28
CA SER B 14 7.16 1.58 3.92
C SER B 14 7.13 0.13 3.43
N LEU B 15 7.55 -0.79 4.30
CA LEU B 15 7.57 -2.21 3.97
C LEU B 15 6.16 -2.72 3.69
N PHE B 16 5.19 -2.24 4.48
CA PHE B 16 3.80 -2.65 4.31
C PHE B 16 3.27 -2.19 2.94
N SER B 17 3.59 -0.94 2.58
CA SER B 17 3.15 -0.38 1.29
C SER B 17 3.75 -1.17 0.13
N VAL B 18 5.03 -1.52 0.23
CA VAL B 18 5.71 -2.29 -0.81
C VAL B 18 5.07 -3.68 -0.94
N PHE B 19 4.77 -4.31 0.20
CA PHE B 19 4.17 -5.65 0.20
C PHE B 19 2.82 -5.63 -0.53
N LEU B 20 1.97 -4.66 -0.18
CA LEU B 20 0.67 -4.54 -0.83
C LEU B 20 0.85 -4.21 -2.31
N LEU B 21 1.90 -3.43 -2.62
CA LEU B 21 2.20 -3.07 -4.01
C LEU B 21 2.50 -4.35 -4.78
N VAL B 22 3.21 -5.28 -4.15
CA VAL B 22 3.52 -6.57 -4.77
C VAL B 22 2.22 -7.32 -5.06
N ILE B 23 1.23 -7.22 -4.17
CA ILE B 23 -0.06 -7.89 -4.38
C ILE B 23 -0.71 -7.36 -5.66
N LEU B 24 -0.74 -6.04 -5.79
CA LEU B 24 -1.33 -5.40 -6.97
C LEU B 24 -0.58 -5.80 -8.24
N ALA B 25 0.75 -5.77 -8.18
CA ALA B 25 1.58 -6.14 -9.33
C ALA B 25 1.36 -7.62 -9.71
N HIS B 26 1.11 -8.46 -8.71
CA HIS B 26 0.88 -9.89 -8.95
C HIS B 26 -0.42 -10.10 -9.72
N VAL B 27 -1.52 -9.53 -9.22
CA VAL B 27 -2.81 -9.67 -9.89
C VAL B 27 -2.74 -9.06 -11.29
N LEU B 28 -2.01 -7.94 -11.42
CA LEU B 28 -1.85 -7.26 -12.71
C LEU B 28 -1.09 -8.17 -13.69
N TRP B 29 -0.09 -8.87 -13.18
CA TRP B 29 0.73 -9.77 -13.98
C TRP B 29 -0.10 -10.94 -14.52
N LYS B 30 -1.00 -11.44 -13.69
CA LYS B 30 -1.87 -12.57 -14.06
C LYS B 30 -2.50 -12.36 -15.45
N LYS B 31 -2.62 -11.10 -15.85
CA LYS B 31 -3.19 -10.74 -17.16
C LYS B 31 -4.67 -11.13 -17.24
N GLU A 1 -3.66 27.40 8.19
CA GLU A 1 -3.43 25.92 8.30
C GLU A 1 -3.81 25.25 6.98
N GLU A 2 -2.81 24.78 6.25
CA GLU A 2 -3.04 24.12 4.96
C GLU A 2 -3.39 22.63 5.16
N ASN A 3 -4.67 22.36 5.40
CA ASN A 3 -5.13 20.99 5.61
C ASN A 3 -4.73 20.07 4.44
N PRO A 4 -5.00 20.46 3.18
CA PRO A 4 -4.64 19.61 1.99
C PRO A 4 -3.22 19.06 2.09
N SER A 5 -2.30 19.88 2.61
CA SER A 5 -0.90 19.46 2.76
C SER A 5 -0.79 18.24 3.67
N LEU A 6 -1.50 18.28 4.80
CA LEU A 6 -1.49 17.18 5.77
C LEU A 6 -2.37 16.01 5.29
N PHE A 7 -3.38 16.29 4.45
CA PHE A 7 -4.26 15.23 3.98
C PHE A 7 -3.52 14.30 2.98
N ALA A 8 -2.26 14.63 2.66
CA ALA A 8 -1.43 13.76 1.82
C ALA A 8 -0.62 12.83 2.75
N LEU A 9 -1.25 12.46 3.86
CA LEU A 9 -0.67 11.61 4.89
C LEU A 9 0.18 10.48 4.32
N GLU A 10 1.16 10.04 5.09
CA GLU A 10 2.03 8.95 4.67
C GLU A 10 1.25 7.63 4.63
N ALA A 11 0.31 7.46 5.57
CA ALA A 11 -0.49 6.23 5.65
C ALA A 11 -1.68 6.25 4.66
N VAL A 12 -2.10 7.44 4.23
CA VAL A 12 -3.22 7.56 3.28
C VAL A 12 -2.73 7.49 1.82
N LEU A 13 -1.57 8.11 1.58
CA LEU A 13 -0.99 8.22 0.24
C LEU A 13 -0.75 6.87 -0.45
N ILE A 14 -0.23 5.86 0.28
CA ILE A 14 0.07 4.54 -0.37
C ILE A 14 -0.78 3.38 0.20
N PRO A 15 -0.84 3.15 1.51
CA PRO A 15 -1.60 1.98 2.06
C PRO A 15 -3.11 2.04 1.77
N VAL A 16 -3.75 3.20 1.99
CA VAL A 16 -5.19 3.31 1.74
C VAL A 16 -5.50 3.16 0.24
N GLY A 17 -4.71 3.83 -0.59
CA GLY A 17 -4.89 3.77 -2.04
C GLY A 17 -4.65 2.35 -2.58
N THR A 18 -3.51 1.78 -2.19
CA THR A 18 -3.11 0.45 -2.61
C THR A 18 -4.06 -0.62 -2.06
N VAL A 19 -4.43 -0.52 -0.78
CA VAL A 19 -5.34 -1.49 -0.16
C VAL A 19 -6.68 -1.49 -0.93
N GLY A 20 -7.24 -0.30 -1.15
CA GLY A 20 -8.52 -0.18 -1.85
C GLY A 20 -8.45 -0.82 -3.24
N LEU A 21 -7.37 -0.50 -3.97
CA LEU A 21 -7.18 -1.04 -5.32
C LEU A 21 -7.05 -2.56 -5.29
N ILE A 22 -6.36 -3.10 -4.28
CA ILE A 22 -6.18 -4.55 -4.14
C ILE A 22 -7.52 -5.23 -3.88
N ILE A 23 -8.34 -4.65 -3.00
CA ILE A 23 -9.65 -5.23 -2.68
C ILE A 23 -10.51 -5.28 -3.95
N THR A 24 -10.45 -4.21 -4.76
CA THR A 24 -11.23 -4.17 -5.99
C THR A 24 -10.77 -5.25 -6.96
N LEU A 25 -9.45 -5.38 -7.15
CA LEU A 25 -8.89 -6.37 -8.07
C LEU A 25 -9.21 -7.80 -7.62
N ILE A 26 -9.01 -8.11 -6.33
CA ILE A 26 -9.29 -9.46 -5.84
C ILE A 26 -10.79 -9.77 -5.96
N PHE A 27 -11.64 -8.75 -5.77
CA PHE A 27 -13.10 -8.94 -5.87
C PHE A 27 -13.53 -9.27 -7.30
N VAL A 28 -13.03 -8.49 -8.28
CA VAL A 28 -13.39 -8.73 -9.69
C VAL A 28 -12.81 -10.06 -10.17
N TYR A 29 -11.61 -10.40 -9.69
CA TYR A 29 -10.95 -11.65 -10.06
C TYR A 29 -11.74 -12.85 -9.52
N PHE A 30 -12.20 -12.73 -8.27
CA PHE A 30 -12.97 -13.78 -7.61
C PHE A 30 -14.30 -14.01 -8.35
N TRP A 31 -14.99 -12.91 -8.65
CA TRP A 31 -16.28 -12.99 -9.36
C TRP A 31 -16.09 -13.61 -10.74
N LEU A 32 -15.01 -13.22 -11.43
CA LEU A 32 -14.71 -13.75 -12.76
C LEU A 32 -14.49 -15.26 -12.71
N GLU A 33 -13.74 -15.71 -11.70
CA GLU A 33 -13.46 -17.14 -11.55
C GLU A 33 -14.64 -17.86 -10.89
N ARG A 34 -14.77 -19.16 -11.16
CA ARG A 34 -15.85 -19.97 -10.59
C ARG A 34 -17.22 -19.34 -10.90
N GLY B 1 14.11 -8.25 30.95
CA GLY B 1 14.92 -7.41 30.01
C GLY B 1 14.35 -7.55 28.59
N GLY B 2 13.28 -6.80 28.33
CA GLY B 2 12.62 -6.83 27.01
C GLY B 2 13.40 -5.99 25.99
N TRP B 3 13.91 -6.64 24.95
CA TRP B 3 14.67 -5.95 23.90
C TRP B 3 13.72 -5.18 22.98
N ASP B 4 14.19 -4.05 22.44
CA ASP B 4 13.39 -3.22 21.54
C ASP B 4 13.81 -3.46 20.08
N PRO B 5 12.87 -3.51 19.12
CA PRO B 5 13.22 -3.75 17.69
C PRO B 5 13.72 -2.47 17.00
N VAL B 6 14.46 -2.65 15.90
CA VAL B 6 15.02 -1.52 15.14
C VAL B 6 14.25 -1.31 13.82
N LEU B 7 12.93 -1.11 13.94
CA LEU B 7 12.08 -0.90 12.77
C LEU B 7 11.29 0.43 12.90
N PRO B 8 11.82 1.56 12.43
CA PRO B 8 11.11 2.87 12.52
C PRO B 8 9.80 2.88 11.71
N SER B 9 8.92 3.83 12.02
CA SER B 9 7.63 3.96 11.34
C SER B 9 7.79 4.11 9.83
N VAL B 10 8.81 4.86 9.39
CA VAL B 10 9.05 5.09 7.97
C VAL B 10 9.40 3.78 7.23
N THR B 11 10.27 2.97 7.83
CA THR B 11 10.70 1.70 7.22
C THR B 11 9.60 0.64 7.25
N ILE B 12 8.87 0.54 8.36
CA ILE B 12 7.80 -0.45 8.49
C ILE B 12 6.63 -0.07 7.56
N LEU B 13 6.30 1.23 7.54
CA LEU B 13 5.22 1.73 6.69
C LEU B 13 5.61 1.53 5.22
N SER B 14 6.88 1.80 4.90
CA SER B 14 7.37 1.64 3.53
C SER B 14 7.27 0.17 3.11
N LEU B 15 7.64 -0.73 4.02
CA LEU B 15 7.58 -2.18 3.76
C LEU B 15 6.14 -2.61 3.50
N PHE B 16 5.21 -2.05 4.27
CA PHE B 16 3.79 -2.38 4.11
C PHE B 16 3.29 -1.95 2.73
N SER B 17 3.67 -0.73 2.31
CA SER B 17 3.25 -0.21 1.00
C SER B 17 3.80 -1.09 -0.12
N VAL B 18 5.08 -1.43 -0.03
CA VAL B 18 5.72 -2.26 -1.05
C VAL B 18 5.06 -3.65 -1.09
N PHE B 19 4.75 -4.22 0.07
CA PHE B 19 4.13 -5.54 0.15
C PHE B 19 2.77 -5.54 -0.55
N LEU B 20 1.94 -4.54 -0.23
CA LEU B 20 0.62 -4.44 -0.84
C LEU B 20 0.78 -4.20 -2.36
N LEU B 21 1.81 -3.44 -2.74
CA LEU B 21 2.09 -3.19 -4.15
C LEU B 21 2.38 -4.52 -4.85
N VAL B 22 3.13 -5.40 -4.16
CA VAL B 22 3.45 -6.72 -4.71
C VAL B 22 2.16 -7.50 -4.96
N ILE B 23 1.15 -7.34 -4.08
CA ILE B 23 -0.13 -8.03 -4.28
C ILE B 23 -0.74 -7.54 -5.61
N LEU B 24 -0.68 -6.23 -5.85
CA LEU B 24 -1.23 -5.66 -7.08
C LEU B 24 -0.52 -6.23 -8.32
N ALA B 25 0.81 -6.27 -8.27
CA ALA B 25 1.61 -6.77 -9.38
C ALA B 25 1.34 -8.27 -9.61
N HIS B 26 1.08 -9.00 -8.54
CA HIS B 26 0.83 -10.43 -8.63
C HIS B 26 -0.50 -10.70 -9.33
N VAL B 27 -1.55 -9.94 -8.95
CA VAL B 27 -2.87 -10.12 -9.55
C VAL B 27 -2.83 -9.70 -11.02
N LEU B 28 -2.15 -8.59 -11.30
CA LEU B 28 -2.03 -8.08 -12.67
C LEU B 28 -1.24 -9.05 -13.55
N TRP B 29 -0.18 -9.65 -12.99
CA TRP B 29 0.67 -10.58 -13.73
C TRP B 29 -0.10 -11.87 -14.04
N LYS B 30 -0.83 -12.35 -13.05
CA LYS B 30 -1.61 -13.58 -13.18
C LYS B 30 -2.82 -13.41 -14.13
N LYS B 31 -3.09 -12.17 -14.53
CA LYS B 31 -4.21 -11.87 -15.44
C LYS B 31 -5.53 -12.44 -14.90
#